data_6GCQ
#
_entry.id   6GCQ
#
_cell.length_a   74.664
_cell.length_b   89.905
_cell.length_c   82.855
_cell.angle_alpha   90.00
_cell.angle_beta   115.53
_cell.angle_gamma   90.00
#
_symmetry.space_group_name_H-M   'P 1 21 1'
#
loop_
_entity.id
_entity.type
_entity.pdbx_description
1 polymer 'Pteridine reductase'
2 non-polymer 'NADP NICOTINAMIDE-ADENINE-DINUCLEOTIDE PHOSPHATE'
3 non-polymer 6-(trifluoromethylsulfanyl)-1,3-benzothiazol-2-amine
4 non-polymer GLYCEROL
5 non-polymer 'ACETATE ION'
6 non-polymer 'DIMETHYL SULFOXIDE'
7 water water
#
_entity_poly.entity_id   1
_entity_poly.type   'polypeptide(L)'
_entity_poly.pdbx_seq_one_letter_code
;MGSSHHHHHHSSGLVPRGSHMEAPAAVVTGAAKRIGRAIAVKLHQTGYRVVIHYHNSAEAAVSLADELNKERSNTAVVCQ
ADLTNSNVLPASCEEIINSCFRAFGRCDVLVNNASAFYPTPLVQGDHEDNSNGKTVETQVAELIGTNAIAPFLLTMSFAQ
RQKGTNPNCTSSNLSIVNLCDAMVDQPCMAFSLYNMGKHALVGLTQSAALELAPYGIRVNGVAPGVSLLPVAMGEEEKDK
WRRKVPLGRREASAEQIADAVIFLVSGSAQYITGSIIKVDGGLSLVHA
;
_entity_poly.pdbx_strand_id   A,B,C,D
#
loop_
_chem_comp.id
_chem_comp.type
_chem_comp.name
_chem_comp.formula
ACT non-polymer 'ACETATE ION' 'C2 H3 O2 -1'
DMS non-polymer 'DIMETHYL SULFOXIDE' 'C2 H6 O S'
EUH non-polymer 6-(trifluoromethylsulfanyl)-1,3-benzothiazol-2-amine 'C8 H5 F3 N2 S2'
GOL non-polymer GLYCEROL 'C3 H8 O3'
NAP non-polymer 'NADP NICOTINAMIDE-ADENINE-DINUCLEOTIDE PHOSPHATE' 'C21 H28 N7 O17 P3'
#
# COMPACT_ATOMS: atom_id res chain seq x y z
N GLU A 22 -24.96 8.70 -31.54
CA GLU A 22 -23.60 9.01 -32.07
C GLU A 22 -22.55 8.24 -31.26
N ALA A 23 -21.53 7.75 -31.96
CA ALA A 23 -20.51 6.92 -31.35
C ALA A 23 -19.58 7.80 -30.49
N PRO A 24 -19.20 7.28 -29.31
CA PRO A 24 -18.18 8.02 -28.55
C PRO A 24 -16.80 7.99 -29.22
N ALA A 25 -15.91 8.81 -28.63
CA ALA A 25 -14.59 8.99 -29.18
C ALA A 25 -13.55 8.87 -28.06
N ALA A 26 -12.44 8.29 -28.44
CA ALA A 26 -11.32 8.11 -27.48
C ALA A 26 -9.98 8.56 -28.08
N VAL A 27 -9.12 9.13 -27.23
CA VAL A 27 -7.68 9.29 -27.58
C VAL A 27 -6.83 8.19 -26.90
N VAL A 28 -5.99 7.51 -27.66
CA VAL A 28 -4.96 6.59 -27.10
C VAL A 28 -3.58 7.13 -27.46
N THR A 29 -2.70 7.35 -26.46
CA THR A 29 -1.40 7.87 -26.76
C THR A 29 -0.50 6.70 -27.07
N GLY A 30 0.47 6.90 -27.94
CA GLY A 30 1.40 5.81 -28.30
C GLY A 30 0.65 4.57 -28.81
N ALA A 31 -0.31 4.84 -29.68
CA ALA A 31 -1.27 3.77 -30.18
C ALA A 31 -0.80 3.09 -31.48
N ALA A 32 0.37 3.42 -32.04
CA ALA A 32 0.73 2.78 -33.33
C ALA A 32 1.10 1.30 -33.18
N LYS A 33 1.60 0.88 -32.02
CA LYS A 33 2.12 -0.48 -31.91
C LYS A 33 1.80 -1.03 -30.50
N ARG A 34 2.01 -2.34 -30.36
CA ARG A 34 2.13 -3.00 -29.04
C ARG A 34 0.84 -2.74 -28.25
N ILE A 35 0.95 -2.36 -26.97
CA ILE A 35 -0.23 -2.30 -26.11
C ILE A 35 -1.16 -1.16 -26.54
N GLY A 36 -0.67 0.03 -26.91
CA GLY A 36 -1.64 1.07 -27.22
C GLY A 36 -2.45 0.75 -28.50
N ARG A 37 -1.83 0.04 -29.42
CA ARG A 37 -2.55 -0.40 -30.62
C ARG A 37 -3.65 -1.37 -30.19
N ALA A 38 -3.32 -2.28 -29.28
CA ALA A 38 -4.33 -3.28 -28.95
C ALA A 38 -5.49 -2.58 -28.26
N ILE A 39 -5.21 -1.55 -27.44
CA ILE A 39 -6.25 -0.78 -26.78
C ILE A 39 -7.11 -0.03 -27.82
N ALA A 40 -6.44 0.65 -28.76
CA ALA A 40 -7.25 1.38 -29.80
C ALA A 40 -8.06 0.36 -30.61
N VAL A 41 -7.50 -0.77 -30.96
CA VAL A 41 -8.29 -1.77 -31.77
C VAL A 41 -9.53 -2.16 -30.95
N LYS A 42 -9.33 -2.52 -29.66
CA LYS A 42 -10.44 -2.96 -28.86
C LYS A 42 -11.45 -1.85 -28.60
N LEU A 43 -11.04 -0.59 -28.43
CA LEU A 43 -12.06 0.45 -28.26
C LEU A 43 -12.82 0.58 -29.59
N HIS A 44 -12.10 0.37 -30.67
CA HIS A 44 -12.75 0.52 -32.00
C HIS A 44 -13.77 -0.62 -32.19
N GLN A 45 -13.37 -1.84 -31.85
CA GLN A 45 -14.29 -3.02 -31.88
C GLN A 45 -15.52 -2.82 -30.97
N THR A 46 -15.44 -1.99 -29.91
CA THR A 46 -16.50 -1.74 -28.96
C THR A 46 -17.40 -0.59 -29.47
N GLY A 47 -17.03 0.03 -30.58
CA GLY A 47 -17.88 1.12 -31.10
C GLY A 47 -17.28 2.52 -31.00
N TYR A 48 -16.05 2.65 -30.46
CA TYR A 48 -15.47 4.02 -30.38
C TYR A 48 -14.86 4.40 -31.73
N ARG A 49 -14.87 5.72 -31.96
CA ARG A 49 -14.00 6.42 -32.89
C ARG A 49 -12.72 6.81 -32.14
N VAL A 50 -11.56 6.62 -32.76
CA VAL A 50 -10.26 6.67 -32.05
C VAL A 50 -9.28 7.66 -32.73
N VAL A 51 -8.56 8.43 -31.89
CA VAL A 51 -7.38 9.19 -32.31
C VAL A 51 -6.16 8.31 -32.01
N ILE A 52 -5.43 7.88 -33.03
CA ILE A 52 -4.22 7.14 -32.88
C ILE A 52 -3.06 8.13 -32.73
N HIS A 53 -2.65 8.48 -31.50
CA HIS A 53 -1.46 9.32 -31.30
C HIS A 53 -0.19 8.51 -31.57
N TYR A 54 0.83 9.15 -32.16
CA TYR A 54 2.14 8.49 -32.28
C TYR A 54 3.27 9.54 -32.27
N HIS A 55 4.50 9.09 -32.10
CA HIS A 55 5.62 10.03 -32.08
C HIS A 55 6.45 9.72 -33.34
N ASN A 56 7.18 8.62 -33.36
CA ASN A 56 8.08 8.23 -34.46
C ASN A 56 7.44 7.22 -35.42
N SER A 57 6.45 6.43 -34.95
CA SER A 57 5.89 5.31 -35.73
C SER A 57 4.78 5.79 -36.68
N ALA A 58 5.13 6.61 -37.69
CA ALA A 58 4.10 7.25 -38.55
C ALA A 58 3.49 6.23 -39.52
N GLU A 59 4.33 5.35 -40.05
CA GLU A 59 3.86 4.33 -41.01
C GLU A 59 2.86 3.42 -40.28
N ALA A 60 3.27 2.93 -39.09
CA ALA A 60 2.44 1.97 -38.32
C ALA A 60 1.11 2.63 -37.94
N ALA A 61 1.14 3.94 -37.61
CA ALA A 61 -0.04 4.70 -37.18
C ALA A 61 -1.05 4.85 -38.31
N VAL A 62 -0.55 5.19 -39.49
CA VAL A 62 -1.42 5.48 -40.64
C VAL A 62 -2.01 4.16 -41.13
N SER A 63 -1.18 3.14 -41.12
CA SER A 63 -1.63 1.82 -41.47
C SER A 63 -2.78 1.35 -40.56
N LEU A 64 -2.67 1.56 -39.24
CA LEU A 64 -3.71 1.08 -38.33
C LEU A 64 -5.00 1.87 -38.61
N ALA A 65 -4.88 3.17 -38.78
CA ALA A 65 -6.03 4.04 -39.02
C ALA A 65 -6.77 3.59 -40.30
N ASP A 66 -5.98 3.21 -41.30
CA ASP A 66 -6.50 2.73 -42.61
C ASP A 66 -7.31 1.46 -42.38
N GLU A 67 -6.72 0.48 -41.67
CA GLU A 67 -7.43 -0.75 -41.27
C GLU A 67 -8.75 -0.39 -40.58
N LEU A 68 -8.76 0.54 -39.63
CA LEU A 68 -9.98 0.77 -38.83
C LEU A 68 -11.02 1.49 -39.70
N ASN A 69 -10.54 2.36 -40.57
CA ASN A 69 -11.43 3.11 -41.47
C ASN A 69 -12.04 2.17 -42.52
N LYS A 70 -11.27 1.18 -43.01
CA LYS A 70 -11.86 0.17 -43.90
C LYS A 70 -13.02 -0.52 -43.17
N GLU A 71 -12.88 -0.79 -41.86
CA GLU A 71 -13.93 -1.49 -41.08
C GLU A 71 -15.16 -0.60 -40.89
N ARG A 72 -14.98 0.68 -40.58
CA ARG A 72 -16.08 1.63 -40.50
C ARG A 72 -15.48 2.96 -40.93
N SER A 73 -16.15 3.63 -41.86
CA SER A 73 -15.59 4.81 -42.48
C SER A 73 -15.68 6.00 -41.52
N ASN A 74 -14.65 6.86 -41.60
CA ASN A 74 -14.50 8.10 -40.79
C ASN A 74 -14.38 7.77 -39.30
N THR A 75 -13.74 6.68 -38.93
CA THR A 75 -13.78 6.35 -37.47
C THR A 75 -12.38 6.38 -36.84
N ALA A 76 -11.34 6.74 -37.57
CA ALA A 76 -9.99 6.76 -36.98
C ALA A 76 -9.18 7.89 -37.64
N VAL A 77 -8.45 8.64 -36.83
CA VAL A 77 -7.47 9.62 -37.30
C VAL A 77 -6.13 9.38 -36.60
N VAL A 78 -5.04 9.86 -37.18
CA VAL A 78 -3.77 9.88 -36.45
C VAL A 78 -3.50 11.30 -35.92
N CYS A 79 -2.60 11.41 -34.94
CA CYS A 79 -2.13 12.70 -34.42
C CYS A 79 -0.67 12.58 -33.95
N GLN A 80 0.26 13.37 -34.52
CA GLN A 80 1.68 13.24 -34.17
C GLN A 80 2.01 14.21 -33.03
N ALA A 81 2.81 13.75 -32.05
CA ALA A 81 3.28 14.63 -30.95
C ALA A 81 4.44 13.96 -30.21
N ASP A 82 5.43 14.78 -29.84
CA ASP A 82 6.56 14.34 -29.03
C ASP A 82 6.13 14.72 -27.62
N LEU A 83 6.03 13.73 -26.74
CA LEU A 83 5.54 13.98 -25.37
C LEU A 83 6.68 14.10 -24.35
N THR A 84 7.90 14.30 -24.82
CA THR A 84 9.01 14.73 -23.97
CA THR A 84 8.96 14.68 -23.89
C THR A 84 8.59 16.01 -23.21
N ASN A 85 8.97 16.17 -21.94
CA ASN A 85 8.77 17.49 -21.23
C ASN A 85 9.57 18.63 -21.90
N SER A 86 8.87 19.75 -22.16
CA SER A 86 9.49 21.01 -22.63
C SER A 86 8.48 22.14 -22.41
N ASN A 87 8.87 23.40 -22.65
CA ASN A 87 7.89 24.50 -22.51
C ASN A 87 6.76 24.38 -23.56
N VAL A 88 6.87 23.54 -24.62
CA VAL A 88 5.69 23.41 -25.55
CA VAL A 88 5.74 23.36 -25.61
C VAL A 88 4.88 22.12 -25.31
N LEU A 89 5.28 21.30 -24.36
CA LEU A 89 4.45 20.12 -24.05
C LEU A 89 2.99 20.52 -23.78
N PRO A 90 2.68 21.59 -23.03
CA PRO A 90 1.26 21.88 -22.83
C PRO A 90 0.44 22.14 -24.10
N ALA A 91 1.02 22.91 -25.01
CA ALA A 91 0.38 23.04 -26.35
C ALA A 91 0.25 21.72 -27.11
N SER A 92 1.24 20.84 -27.09
CA SER A 92 1.14 19.57 -27.79
C SER A 92 0.01 18.72 -27.19
N CYS A 93 -0.11 18.76 -25.84
CA CYS A 93 -1.20 18.01 -25.15
C CYS A 93 -2.57 18.64 -25.48
N GLU A 94 -2.67 19.97 -25.45
CA GLU A 94 -3.89 20.65 -25.90
C GLU A 94 -4.27 20.19 -27.32
N GLU A 95 -3.28 20.03 -28.19
CA GLU A 95 -3.57 19.76 -29.61
C GLU A 95 -4.10 18.34 -29.78
N ILE A 96 -3.51 17.38 -29.04
CA ILE A 96 -3.98 15.97 -29.10
C ILE A 96 -5.47 15.95 -28.77
N ILE A 97 -5.89 16.60 -27.70
CA ILE A 97 -7.28 16.58 -27.30
C ILE A 97 -8.10 17.31 -28.38
N ASN A 98 -7.54 18.44 -28.84
CA ASN A 98 -8.26 19.25 -29.84
C ASN A 98 -8.49 18.38 -31.09
N SER A 99 -7.55 17.51 -31.45
CA SER A 99 -7.70 16.73 -32.66
C SER A 99 -8.86 15.75 -32.57
N CYS A 100 -9.20 15.33 -31.35
CA CYS A 100 -10.33 14.45 -31.17
C CYS A 100 -11.61 15.29 -31.37
N PHE A 101 -11.67 16.47 -30.78
CA PHE A 101 -12.87 17.28 -30.99
C PHE A 101 -12.98 17.73 -32.46
N ARG A 102 -11.87 17.95 -33.14
CA ARG A 102 -11.95 18.39 -34.56
C ARG A 102 -12.51 17.25 -35.42
N ALA A 103 -12.01 16.04 -35.22
CA ALA A 103 -12.41 14.89 -36.00
C ALA A 103 -13.82 14.43 -35.63
N PHE A 104 -14.20 14.42 -34.35
CA PHE A 104 -15.37 13.61 -33.87
C PHE A 104 -16.40 14.46 -33.14
N GLY A 105 -16.05 15.67 -32.74
CA GLY A 105 -17.02 16.57 -32.09
C GLY A 105 -17.13 16.33 -30.60
N ARG A 106 -16.32 15.40 -30.11
CA ARG A 106 -16.45 14.96 -28.69
C ARG A 106 -15.18 14.18 -28.34
N CYS A 107 -14.95 14.03 -27.03
CA CYS A 107 -13.83 13.20 -26.56
C CYS A 107 -14.26 12.63 -25.21
N ASP A 108 -14.58 11.34 -25.26
CA ASP A 108 -15.21 10.69 -24.10
C ASP A 108 -14.18 9.98 -23.21
N VAL A 109 -13.11 9.50 -23.83
CA VAL A 109 -12.11 8.67 -23.12
C VAL A 109 -10.69 9.11 -23.55
N LEU A 110 -9.80 9.18 -22.56
CA LEU A 110 -8.37 9.42 -22.76
C LEU A 110 -7.62 8.23 -22.16
N VAL A 111 -6.80 7.57 -22.93
CA VAL A 111 -5.94 6.52 -22.42
C VAL A 111 -4.49 7.01 -22.50
N ASN A 112 -3.86 7.20 -21.31
CA ASN A 112 -2.43 7.60 -21.22
C ASN A 112 -1.55 6.36 -21.26
N ASN A 113 -1.11 5.98 -22.45
CA ASN A 113 -0.40 4.72 -22.72
C ASN A 113 1.07 4.99 -23.09
N ALA A 114 1.37 6.11 -23.78
CA ALA A 114 2.73 6.35 -24.30
C ALA A 114 3.71 6.37 -23.13
N SER A 115 4.87 5.78 -23.32
CA SER A 115 5.82 5.73 -22.24
C SER A 115 7.25 5.50 -22.77
N ALA A 116 8.20 6.23 -22.19
CA ALA A 116 9.62 5.86 -22.35
C ALA A 116 10.03 4.92 -21.20
N PHE A 117 10.96 4.02 -21.48
CA PHE A 117 11.39 3.02 -20.53
C PHE A 117 12.84 2.64 -20.81
N TYR A 118 13.77 3.05 -19.95
CA TYR A 118 15.20 2.69 -20.11
C TYR A 118 15.90 3.04 -18.81
N PRO A 119 17.04 2.40 -18.57
CA PRO A 119 17.73 2.60 -17.27
C PRO A 119 18.36 4.01 -17.15
N THR A 120 18.44 4.50 -15.92
CA THR A 120 19.14 5.73 -15.57
C THR A 120 19.94 5.48 -14.29
N PRO A 121 21.08 4.80 -14.40
CA PRO A 121 21.87 4.41 -13.18
C PRO A 121 22.27 5.63 -12.33
N LEU A 122 22.18 5.50 -11.00
CA LEU A 122 22.58 6.61 -10.12
C LEU A 122 24.11 6.74 -10.05
N VAL A 123 24.84 5.64 -10.21
CA VAL A 123 26.33 5.77 -10.12
C VAL A 123 26.94 5.43 -11.48
N GLN A 124 27.77 6.32 -12.03
CA GLN A 124 28.52 6.11 -13.32
C GLN A 124 30.02 6.00 -13.01
N GLY A 133 24.90 8.23 -25.19
CA GLY A 133 23.77 8.43 -24.30
C GLY A 133 23.37 9.90 -24.20
N LYS A 134 22.26 10.11 -23.51
CA LYS A 134 21.54 11.39 -23.44
C LYS A 134 21.98 12.14 -22.19
N THR A 135 21.70 13.44 -22.15
CA THR A 135 22.02 14.20 -20.97
C THR A 135 21.00 13.83 -19.89
N VAL A 136 21.30 14.19 -18.66
CA VAL A 136 20.38 13.82 -17.56
C VAL A 136 19.08 14.62 -17.74
N GLU A 137 19.13 15.85 -18.22
N GLU A 137 19.24 15.84 -18.24
CA GLU A 137 17.87 16.57 -18.29
CA GLU A 137 18.14 16.73 -18.57
C GLU A 137 17.04 16.09 -19.50
C GLU A 137 17.13 15.99 -19.42
N THR A 138 17.65 15.44 -20.50
CA THR A 138 16.88 14.75 -21.51
C THR A 138 16.23 13.50 -20.89
N GLN A 139 16.99 12.79 -20.07
CA GLN A 139 16.41 11.57 -19.43
C GLN A 139 15.21 12.00 -18.56
N VAL A 140 15.37 13.08 -17.82
CA VAL A 140 14.24 13.55 -16.99
C VAL A 140 13.07 13.96 -17.87
N ALA A 141 13.31 14.73 -18.95
CA ALA A 141 12.23 15.17 -19.78
C ALA A 141 11.47 14.01 -20.41
N GLU A 142 12.18 12.96 -20.84
CA GLU A 142 11.56 11.81 -21.45
C GLU A 142 10.86 10.93 -20.41
N LEU A 143 11.56 10.56 -19.33
CA LEU A 143 11.01 9.53 -18.45
C LEU A 143 9.96 10.14 -17.55
N ILE A 144 10.12 11.39 -17.08
CA ILE A 144 9.10 12.06 -16.27
C ILE A 144 8.07 12.73 -17.20
N GLY A 145 8.53 13.31 -18.32
CA GLY A 145 7.56 13.98 -19.25
C GLY A 145 6.54 13.01 -19.83
N THR A 146 7.01 11.94 -20.44
CA THR A 146 6.08 10.99 -21.10
C THR A 146 5.26 10.23 -20.06
N ASN A 147 5.90 9.83 -18.98
CA ASN A 147 5.22 8.90 -18.08
C ASN A 147 4.28 9.65 -17.13
N ALA A 148 4.54 10.94 -16.91
CA ALA A 148 3.79 11.65 -15.83
C ALA A 148 3.31 13.05 -16.23
N ILE A 149 4.17 13.92 -16.78
CA ILE A 149 3.72 15.29 -16.97
CA ILE A 149 3.71 15.29 -16.97
C ILE A 149 2.72 15.36 -18.13
N ALA A 150 3.01 14.66 -19.21
CA ALA A 150 2.04 14.66 -20.41
C ALA A 150 0.68 14.09 -19.97
N PRO A 151 0.66 13.01 -19.14
CA PRO A 151 -0.64 12.56 -18.66
C PRO A 151 -1.37 13.66 -17.87
N PHE A 152 -0.58 14.43 -17.07
CA PHE A 152 -1.19 15.49 -16.30
C PHE A 152 -1.78 16.55 -17.24
N LEU A 153 -0.99 16.94 -18.25
CA LEU A 153 -1.48 18.06 -19.12
C LEU A 153 -2.65 17.58 -20.00
N LEU A 154 -2.53 16.35 -20.50
CA LEU A 154 -3.68 15.72 -21.24
C LEU A 154 -4.92 15.66 -20.37
N THR A 155 -4.75 15.35 -19.07
CA THR A 155 -5.90 15.31 -18.19
C THR A 155 -6.52 16.71 -18.02
N MET A 156 -5.70 17.73 -17.84
CA MET A 156 -6.15 19.12 -17.75
CA MET A 156 -6.21 19.10 -17.73
C MET A 156 -6.96 19.50 -19.03
N SER A 157 -6.39 19.22 -20.20
CA SER A 157 -6.99 19.60 -21.51
C SER A 157 -8.31 18.84 -21.71
N PHE A 158 -8.29 17.54 -21.36
CA PHE A 158 -9.48 16.67 -21.51
C PHE A 158 -10.60 17.25 -20.66
N ALA A 159 -10.26 17.56 -19.40
CA ALA A 159 -11.26 18.05 -18.47
C ALA A 159 -11.76 19.45 -18.91
N GLN A 160 -10.85 20.30 -19.36
CA GLN A 160 -11.27 21.70 -19.62
C GLN A 160 -12.18 21.78 -20.84
N ARG A 161 -11.97 20.89 -21.78
CA ARG A 161 -12.75 20.86 -23.04
C ARG A 161 -14.14 20.24 -22.84
N GLN A 162 -14.51 19.81 -21.63
CA GLN A 162 -15.85 19.18 -21.47
C GLN A 162 -16.94 20.27 -21.52
N LYS A 163 -18.06 19.95 -22.19
CA LYS A 163 -19.22 20.85 -22.36
C LYS A 163 -20.18 20.65 -21.19
N SER A 172 -23.64 9.99 -21.21
CA SER A 172 -22.17 10.04 -21.43
C SER A 172 -21.41 9.36 -20.27
N ASN A 173 -20.29 8.76 -20.63
CA ASN A 173 -19.53 8.01 -19.61
C ASN A 173 -18.06 8.41 -19.84
N LEU A 174 -17.68 9.54 -19.22
CA LEU A 174 -16.33 10.12 -19.46
C LEU A 174 -15.33 9.44 -18.50
N SER A 175 -14.27 8.93 -19.08
CA SER A 175 -13.18 8.52 -18.15
C SER A 175 -11.77 8.64 -18.74
N ILE A 176 -10.78 8.50 -17.83
CA ILE A 176 -9.37 8.47 -18.19
C ILE A 176 -8.80 7.17 -17.61
N VAL A 177 -7.99 6.49 -18.42
CA VAL A 177 -7.25 5.32 -17.93
C VAL A 177 -5.77 5.56 -18.12
N ASN A 178 -5.01 5.40 -17.00
CA ASN A 178 -3.53 5.62 -17.04
C ASN A 178 -2.85 4.25 -17.05
N LEU A 179 -1.91 3.98 -17.94
CA LEU A 179 -1.16 2.73 -17.95
C LEU A 179 -0.01 2.84 -16.95
N CYS A 180 -0.21 2.11 -15.84
CA CYS A 180 0.68 2.18 -14.68
C CYS A 180 1.63 0.98 -14.72
N ASP A 181 2.21 0.53 -13.59
CA ASP A 181 3.17 -0.54 -13.66
C ASP A 181 3.03 -1.31 -12.32
N ALA A 182 2.71 -2.58 -12.38
CA ALA A 182 2.40 -3.35 -11.17
C ALA A 182 3.67 -3.57 -10.33
N MET A 183 4.83 -3.33 -10.91
CA MET A 183 6.10 -3.65 -10.20
C MET A 183 6.78 -2.39 -9.64
N VAL A 184 6.05 -1.30 -9.48
CA VAL A 184 6.73 -0.04 -9.03
C VAL A 184 7.23 -0.12 -7.58
N ASP A 185 6.67 -0.99 -6.73
CA ASP A 185 7.30 -1.22 -5.43
C ASP A 185 8.39 -2.26 -5.36
N GLN A 186 8.67 -2.95 -6.47
CA GLN A 186 9.75 -3.94 -6.51
C GLN A 186 10.49 -3.67 -7.83
N PRO A 187 11.14 -2.51 -7.92
CA PRO A 187 11.57 -2.01 -9.26
C PRO A 187 12.79 -2.76 -9.84
N CYS A 188 12.95 -2.62 -11.16
CA CYS A 188 14.17 -3.06 -11.79
C CYS A 188 15.34 -2.17 -11.35
N MET A 189 16.47 -2.80 -11.10
CA MET A 189 17.70 -2.15 -10.68
C MET A 189 18.11 -1.10 -11.74
N ALA A 190 18.38 0.12 -11.28
CA ALA A 190 18.93 1.22 -12.10
C ALA A 190 17.83 1.91 -12.94
N PHE A 191 16.54 1.72 -12.62
CA PHE A 191 15.45 2.41 -13.35
C PHE A 191 14.80 3.52 -12.47
N SER A 192 15.58 4.31 -11.70
CA SER A 192 14.96 5.25 -10.74
CA SER A 192 15.03 5.31 -10.74
C SER A 192 14.06 6.28 -11.43
N LEU A 193 14.49 6.91 -12.53
CA LEU A 193 13.61 7.94 -13.13
C LEU A 193 12.33 7.31 -13.71
N TYR A 194 12.43 6.19 -14.41
CA TYR A 194 11.24 5.49 -14.88
C TYR A 194 10.30 5.22 -13.69
N ASN A 195 10.85 4.68 -12.61
CA ASN A 195 10.03 4.37 -11.39
CA ASN A 195 9.97 4.36 -11.45
C ASN A 195 9.39 5.63 -10.81
N MET A 196 10.17 6.74 -10.78
CA MET A 196 9.64 7.95 -10.23
C MET A 196 8.43 8.42 -11.06
N GLY A 197 8.60 8.35 -12.38
CA GLY A 197 7.47 8.79 -13.28
C GLY A 197 6.22 7.92 -13.08
N LYS A 198 6.39 6.63 -12.90
CA LYS A 198 5.19 5.77 -12.78
C LYS A 198 4.57 5.92 -11.39
N HIS A 199 5.40 6.17 -10.36
CA HIS A 199 4.78 6.54 -9.03
C HIS A 199 4.02 7.86 -9.14
N ALA A 200 4.61 8.84 -9.87
CA ALA A 200 3.89 10.10 -10.06
C ALA A 200 2.54 9.86 -10.75
N LEU A 201 2.53 8.91 -11.69
CA LEU A 201 1.27 8.66 -12.45
C LEU A 201 0.23 8.03 -11.50
N VAL A 202 0.68 7.27 -10.52
CA VAL A 202 -0.27 6.79 -9.49
C VAL A 202 -0.84 7.99 -8.73
N GLY A 203 0.04 8.93 -8.36
CA GLY A 203 -0.44 10.12 -7.70
C GLY A 203 -1.44 10.92 -8.54
N LEU A 204 -1.16 11.07 -9.85
CA LEU A 204 -2.09 11.80 -10.70
C LEU A 204 -3.44 11.05 -10.73
N THR A 205 -3.36 9.75 -10.88
CA THR A 205 -4.59 8.90 -10.93
C THR A 205 -5.50 9.21 -9.74
N GLN A 206 -4.94 9.20 -8.51
CA GLN A 206 -5.69 9.47 -7.31
C GLN A 206 -6.15 10.92 -7.21
N SER A 207 -5.19 11.86 -7.41
CA SER A 207 -5.53 13.30 -7.30
C SER A 207 -6.58 13.70 -8.36
N ALA A 208 -6.44 13.19 -9.58
CA ALA A 208 -7.42 13.60 -10.67
C ALA A 208 -8.76 12.89 -10.41
N ALA A 209 -8.74 11.63 -9.92
CA ALA A 209 -10.03 11.01 -9.57
C ALA A 209 -10.77 11.87 -8.56
N LEU A 210 -10.08 12.31 -7.52
CA LEU A 210 -10.67 13.08 -6.48
C LEU A 210 -11.27 14.38 -7.07
N GLU A 211 -10.45 15.07 -7.86
CA GLU A 211 -10.79 16.42 -8.34
C GLU A 211 -11.83 16.38 -9.46
N LEU A 212 -11.82 15.36 -10.30
CA LEU A 212 -12.71 15.33 -11.48
C LEU A 212 -14.00 14.57 -11.20
N ALA A 213 -14.11 13.94 -10.02
CA ALA A 213 -15.36 13.22 -9.71
C ALA A 213 -16.59 14.16 -9.83
N PRO A 214 -16.49 15.42 -9.33
CA PRO A 214 -17.66 16.33 -9.42
C PRO A 214 -18.12 16.61 -10.87
N TYR A 215 -17.28 16.40 -11.88
CA TYR A 215 -17.59 16.58 -13.28
C TYR A 215 -17.97 15.25 -13.93
N GLY A 216 -18.06 14.15 -13.17
CA GLY A 216 -18.46 12.90 -13.74
C GLY A 216 -17.38 12.26 -14.58
N ILE A 217 -16.12 12.65 -14.38
CA ILE A 217 -15.02 12.04 -15.10
C ILE A 217 -14.36 11.07 -14.11
N ARG A 218 -14.38 9.81 -14.48
CA ARG A 218 -13.62 8.79 -13.65
C ARG A 218 -12.16 8.73 -14.11
N VAL A 219 -11.25 8.41 -13.16
CA VAL A 219 -9.87 8.31 -13.51
C VAL A 219 -9.32 7.05 -12.82
N ASN A 220 -8.82 6.12 -13.61
CA ASN A 220 -8.41 4.79 -13.08
C ASN A 220 -7.14 4.39 -13.77
N GLY A 221 -6.51 3.32 -13.30
CA GLY A 221 -5.34 2.81 -13.95
C GLY A 221 -5.37 1.33 -14.20
N VAL A 222 -4.54 0.88 -15.16
CA VAL A 222 -4.25 -0.50 -15.42
C VAL A 222 -2.76 -0.71 -15.23
N ALA A 223 -2.38 -1.73 -14.43
CA ALA A 223 -0.94 -1.89 -14.06
C ALA A 223 -0.43 -3.25 -14.54
N PRO A 224 0.11 -3.36 -15.79
CA PRO A 224 0.70 -4.64 -16.26
C PRO A 224 1.92 -5.04 -15.41
N GLY A 225 2.19 -6.32 -15.31
CA GLY A 225 3.46 -6.79 -14.78
C GLY A 225 4.45 -6.91 -15.93
N VAL A 226 4.58 -8.11 -16.45
CA VAL A 226 5.29 -8.24 -17.73
C VAL A 226 4.26 -8.57 -18.81
N SER A 227 4.29 -7.76 -19.86
CA SER A 227 3.41 -7.99 -20.98
C SER A 227 4.39 -8.13 -22.15
N LEU A 228 4.09 -7.45 -23.24
CA LEU A 228 4.97 -7.60 -24.43
C LEU A 228 6.37 -7.15 -23.99
N LEU A 229 7.32 -8.08 -24.06
CA LEU A 229 8.64 -7.74 -23.61
C LEU A 229 9.25 -6.75 -24.62
N PRO A 230 10.23 -5.94 -24.16
CA PRO A 230 10.92 -4.99 -25.05
C PRO A 230 11.51 -5.74 -26.27
N VAL A 231 11.38 -5.14 -27.44
CA VAL A 231 11.88 -5.76 -28.70
C VAL A 231 13.40 -6.05 -28.60
N ALA A 232 14.13 -5.15 -27.94
CA ALA A 232 15.61 -5.26 -27.85
C ALA A 232 16.02 -6.44 -26.97
N MET A 233 15.05 -7.00 -26.22
CA MET A 233 15.38 -8.05 -25.25
C MET A 233 15.62 -9.39 -25.99
N GLY A 234 16.68 -10.14 -25.62
CA GLY A 234 16.90 -11.48 -26.23
C GLY A 234 15.88 -12.47 -25.68
N GLU A 235 15.57 -13.55 -26.40
CA GLU A 235 14.64 -14.58 -25.92
C GLU A 235 15.06 -15.13 -24.54
N GLU A 236 16.37 -15.29 -24.31
CA GLU A 236 16.80 -15.92 -23.07
C GLU A 236 16.35 -15.05 -21.88
N GLU A 237 16.43 -13.74 -22.06
CA GLU A 237 16.11 -12.78 -21.00
C GLU A 237 14.59 -12.71 -20.85
N LYS A 238 13.87 -12.69 -21.98
CA LYS A 238 12.40 -12.85 -22.01
C LYS A 238 11.98 -14.07 -21.21
N ASP A 239 12.65 -15.23 -21.41
CA ASP A 239 12.24 -16.42 -20.69
C ASP A 239 12.49 -16.35 -19.17
N LYS A 240 13.55 -15.66 -18.78
CA LYS A 240 13.83 -15.45 -17.34
C LYS A 240 12.63 -14.75 -16.67
N TRP A 241 12.09 -13.73 -17.35
CA TRP A 241 10.91 -13.00 -16.84
C TRP A 241 9.68 -13.89 -16.88
N ARG A 242 9.43 -14.53 -18.04
CA ARG A 242 8.30 -15.47 -18.15
C ARG A 242 8.24 -16.46 -16.98
N ARG A 243 9.38 -17.06 -16.60
CA ARG A 243 9.37 -18.15 -15.66
C ARG A 243 9.00 -17.68 -14.25
N LYS A 244 9.05 -16.39 -14.05
CA LYS A 244 8.72 -15.79 -12.69
C LYS A 244 7.18 -15.68 -12.51
N VAL A 245 6.40 -15.72 -13.57
CA VAL A 245 4.94 -15.38 -13.50
C VAL A 245 4.19 -16.63 -13.02
N PRO A 246 3.56 -16.58 -11.84
CA PRO A 246 2.82 -17.73 -11.35
C PRO A 246 1.72 -18.22 -12.31
N LEU A 247 0.92 -17.32 -12.89
CA LEU A 247 -0.27 -17.73 -13.64
C LEU A 247 0.19 -17.99 -15.11
N GLY A 248 0.69 -19.20 -15.37
CA GLY A 248 0.97 -19.60 -16.74
C GLY A 248 2.43 -19.42 -17.18
N ARG A 249 3.29 -18.82 -16.34
CA ARG A 249 4.74 -18.66 -16.69
C ARG A 249 4.89 -18.02 -18.07
N ARG A 250 4.10 -17.00 -18.33
CA ARG A 250 4.15 -16.28 -19.60
C ARG A 250 3.70 -14.85 -19.35
N GLU A 251 4.08 -13.96 -20.25
CA GLU A 251 3.74 -12.55 -20.18
C GLU A 251 2.29 -12.36 -20.61
N ALA A 252 1.68 -11.24 -20.16
CA ALA A 252 0.35 -10.84 -20.65
C ALA A 252 0.44 -10.58 -22.16
N SER A 253 -0.61 -11.01 -22.85
CA SER A 253 -0.86 -10.51 -24.24
C SER A 253 -1.29 -9.05 -24.18
N ALA A 254 -1.06 -8.32 -25.28
CA ALA A 254 -1.54 -6.98 -25.37
C ALA A 254 -3.07 -6.94 -25.24
N GLU A 255 -3.79 -7.95 -25.76
CA GLU A 255 -5.24 -7.98 -25.68
CA GLU A 255 -5.24 -7.84 -25.68
C GLU A 255 -5.72 -8.06 -24.21
N GLN A 256 -4.98 -8.82 -23.42
CA GLN A 256 -5.36 -9.03 -21.97
C GLN A 256 -5.26 -7.69 -21.23
N ILE A 257 -4.20 -6.92 -21.53
CA ILE A 257 -4.11 -5.57 -20.95
C ILE A 257 -5.30 -4.75 -21.45
N ALA A 258 -5.55 -4.81 -22.78
CA ALA A 258 -6.62 -3.98 -23.32
C ALA A 258 -8.00 -4.34 -22.70
N ASP A 259 -8.19 -5.62 -22.37
CA ASP A 259 -9.50 -6.05 -21.77
C ASP A 259 -9.76 -5.27 -20.48
N ALA A 260 -8.69 -5.01 -19.70
CA ALA A 260 -8.94 -4.31 -18.41
C ALA A 260 -9.24 -2.83 -18.67
N VAL A 261 -8.62 -2.25 -19.71
CA VAL A 261 -8.94 -0.86 -20.08
C VAL A 261 -10.41 -0.78 -20.50
N ILE A 262 -10.83 -1.75 -21.33
CA ILE A 262 -12.24 -1.80 -21.87
C ILE A 262 -13.22 -1.90 -20.69
N PHE A 263 -12.90 -2.73 -19.69
CA PHE A 263 -13.75 -2.78 -18.49
C PHE A 263 -13.91 -1.40 -17.83
N LEU A 264 -12.76 -0.72 -17.57
CA LEU A 264 -12.79 0.49 -16.81
C LEU A 264 -13.50 1.63 -17.58
N VAL A 265 -13.47 1.58 -18.91
CA VAL A 265 -14.22 2.66 -19.63
C VAL A 265 -15.72 2.33 -19.74
N SER A 266 -16.04 1.05 -19.53
CA SER A 266 -17.41 0.50 -19.74
C SER A 266 -18.43 0.98 -18.69
N GLY A 267 -19.74 0.71 -18.96
CA GLY A 267 -20.78 1.07 -17.97
C GLY A 267 -20.73 0.10 -16.79
N SER A 268 -19.97 -0.98 -16.95
CA SER A 268 -19.82 -1.94 -15.79
C SER A 268 -18.84 -1.41 -14.74
N ALA A 269 -18.18 -0.26 -15.02
CA ALA A 269 -17.24 0.36 -14.03
C ALA A 269 -17.68 1.76 -13.62
N GLN A 270 -18.98 2.03 -13.71
CA GLN A 270 -19.47 3.39 -13.53
C GLN A 270 -19.34 3.92 -12.09
N TYR A 271 -19.09 3.09 -11.08
CA TYR A 271 -18.83 3.60 -9.73
C TYR A 271 -17.30 3.52 -9.39
N ILE A 272 -16.46 3.09 -10.34
CA ILE A 272 -15.03 2.91 -10.07
C ILE A 272 -14.27 4.18 -10.48
N THR A 273 -13.59 4.78 -9.51
CA THR A 273 -12.69 5.93 -9.81
C THR A 273 -11.58 5.89 -8.76
N GLY A 274 -10.37 6.23 -9.20
CA GLY A 274 -9.21 6.17 -8.32
C GLY A 274 -8.69 4.76 -8.13
N SER A 275 -9.17 3.78 -8.88
CA SER A 275 -8.67 2.36 -8.76
C SER A 275 -7.59 2.04 -9.79
N ILE A 276 -6.58 1.25 -9.36
CA ILE A 276 -5.61 0.75 -10.27
C ILE A 276 -5.73 -0.76 -10.29
N ILE A 277 -6.06 -1.31 -11.44
CA ILE A 277 -6.22 -2.78 -11.58
C ILE A 277 -4.89 -3.40 -12.05
N LYS A 278 -4.27 -4.21 -11.20
N LYS A 278 -4.35 -4.30 -11.25
CA LYS A 278 -3.11 -5.00 -11.62
CA LYS A 278 -3.12 -4.97 -11.59
C LYS A 278 -3.58 -6.04 -12.62
C LYS A 278 -3.44 -6.16 -12.49
N VAL A 279 -2.77 -6.21 -13.65
CA VAL A 279 -2.97 -7.28 -14.62
C VAL A 279 -1.61 -7.92 -14.81
N ASP A 280 -1.22 -8.78 -13.86
CA ASP A 280 0.17 -9.24 -13.74
C ASP A 280 0.39 -10.73 -13.48
N GLY A 281 -0.66 -11.57 -13.61
CA GLY A 281 -0.50 -13.02 -13.46
C GLY A 281 0.10 -13.40 -12.12
N GLY A 282 -0.02 -12.50 -11.09
CA GLY A 282 0.56 -12.80 -9.81
C GLY A 282 2.02 -12.37 -9.63
N LEU A 283 2.66 -11.74 -10.65
CA LEU A 283 4.13 -11.51 -10.58
C LEU A 283 4.54 -10.71 -9.32
N SER A 284 3.76 -9.67 -9.03
CA SER A 284 4.10 -8.77 -7.89
C SER A 284 3.98 -9.50 -6.56
N LEU A 285 3.36 -10.69 -6.49
CA LEU A 285 3.27 -11.44 -5.20
C LEU A 285 4.51 -12.30 -4.94
N VAL A 286 5.41 -12.40 -5.93
CA VAL A 286 6.49 -13.39 -5.85
C VAL A 286 7.70 -12.75 -5.16
N HIS A 287 8.07 -13.33 -4.01
CA HIS A 287 9.32 -12.78 -3.33
C HIS A 287 10.59 -13.10 -4.13
N ALA A 288 11.67 -12.42 -3.73
CA ALA A 288 12.94 -12.61 -4.41
C ALA A 288 13.45 -14.05 -4.22
N MET B 21 -24.54 -29.78 -18.52
CA MET B 21 -23.26 -29.85 -17.76
C MET B 21 -22.20 -28.93 -18.42
N GLU B 22 -22.48 -28.44 -19.63
CA GLU B 22 -21.67 -27.40 -20.28
C GLU B 22 -21.74 -26.07 -19.48
N ALA B 23 -22.86 -25.76 -18.78
CA ALA B 23 -22.95 -24.47 -18.01
C ALA B 23 -22.07 -24.56 -16.75
N PRO B 24 -21.27 -23.50 -16.52
CA PRO B 24 -20.42 -23.58 -15.32
C PRO B 24 -21.27 -23.33 -14.07
N ALA B 25 -20.67 -23.58 -12.89
CA ALA B 25 -21.42 -23.42 -11.65
C ALA B 25 -20.64 -22.56 -10.65
N ALA B 26 -21.38 -21.88 -9.79
CA ALA B 26 -20.76 -20.91 -8.81
C ALA B 26 -21.43 -21.10 -7.46
N VAL B 27 -20.61 -20.98 -6.39
CA VAL B 27 -21.11 -20.90 -5.01
C VAL B 27 -21.02 -19.43 -4.60
N VAL B 28 -22.08 -18.86 -4.08
CA VAL B 28 -22.06 -17.50 -3.53
C VAL B 28 -22.48 -17.57 -2.05
N THR B 29 -21.58 -17.20 -1.13
CA THR B 29 -22.00 -17.23 0.29
C THR B 29 -22.81 -15.99 0.64
N GLY B 30 -23.72 -16.12 1.60
CA GLY B 30 -24.56 -15.00 2.06
C GLY B 30 -25.35 -14.43 0.89
N ALA B 31 -25.94 -15.33 0.05
CA ALA B 31 -26.49 -14.90 -1.26
C ALA B 31 -27.99 -14.56 -1.21
N ALA B 32 -28.63 -14.66 -0.05
CA ALA B 32 -30.11 -14.46 0.01
C ALA B 32 -30.49 -13.00 -0.24
N LYS B 33 -29.64 -12.04 0.17
CA LYS B 33 -30.06 -10.61 0.18
C LYS B 33 -28.90 -9.72 -0.28
N ARG B 34 -29.25 -8.44 -0.58
CA ARG B 34 -28.26 -7.37 -0.72
C ARG B 34 -27.18 -7.75 -1.74
N ILE B 35 -25.89 -7.54 -1.38
CA ILE B 35 -24.88 -7.68 -2.39
C ILE B 35 -24.80 -9.12 -2.90
N GLY B 36 -24.80 -10.10 -2.00
CA GLY B 36 -24.66 -11.53 -2.46
C GLY B 36 -25.82 -11.95 -3.38
N ARG B 37 -26.99 -11.40 -3.11
CA ARG B 37 -28.15 -11.71 -3.97
C ARG B 37 -27.89 -11.15 -5.38
N ALA B 38 -27.43 -9.89 -5.44
CA ALA B 38 -27.14 -9.25 -6.76
C ALA B 38 -26.06 -10.02 -7.52
N ILE B 39 -24.99 -10.51 -6.82
CA ILE B 39 -23.99 -11.31 -7.44
C ILE B 39 -24.57 -12.63 -7.95
N ALA B 40 -25.42 -13.31 -7.16
CA ALA B 40 -25.97 -14.59 -7.62
C ALA B 40 -26.84 -14.36 -8.89
N VAL B 41 -27.64 -13.28 -8.91
CA VAL B 41 -28.50 -12.92 -10.09
C VAL B 41 -27.62 -12.67 -11.32
N LYS B 42 -26.55 -11.86 -11.16
CA LYS B 42 -25.76 -11.54 -12.34
C LYS B 42 -24.98 -12.75 -12.83
N LEU B 43 -24.53 -13.60 -11.90
CA LEU B 43 -23.84 -14.77 -12.39
C LEU B 43 -24.85 -15.64 -13.18
N HIS B 44 -26.05 -15.75 -12.62
CA HIS B 44 -27.08 -16.59 -13.31
C HIS B 44 -27.37 -16.01 -14.71
N GLN B 45 -27.56 -14.69 -14.77
CA GLN B 45 -27.76 -13.97 -16.09
C GLN B 45 -26.61 -14.26 -17.07
N THR B 46 -25.40 -14.50 -16.57
CA THR B 46 -24.24 -14.72 -17.37
C THR B 46 -24.19 -16.16 -17.84
N GLY B 47 -25.01 -17.05 -17.24
CA GLY B 47 -25.10 -18.45 -17.70
C GLY B 47 -24.61 -19.46 -16.67
N TYR B 48 -24.34 -18.98 -15.43
CA TYR B 48 -23.95 -19.86 -14.34
C TYR B 48 -25.17 -20.50 -13.65
N ARG B 49 -24.99 -21.76 -13.24
CA ARG B 49 -25.86 -22.40 -12.24
C ARG B 49 -25.30 -21.96 -10.86
N VAL B 50 -26.15 -21.80 -9.86
CA VAL B 50 -25.69 -21.16 -8.63
CA VAL B 50 -25.72 -21.13 -8.62
C VAL B 50 -26.11 -21.96 -7.40
N VAL B 51 -25.18 -22.06 -6.44
CA VAL B 51 -25.56 -22.44 -5.06
C VAL B 51 -25.73 -21.18 -4.22
N ILE B 52 -26.93 -20.97 -3.70
CA ILE B 52 -27.28 -19.80 -2.88
C ILE B 52 -27.08 -20.21 -1.43
N HIS B 53 -25.90 -19.88 -0.86
CA HIS B 53 -25.67 -20.21 0.57
C HIS B 53 -26.40 -19.17 1.42
N TYR B 54 -26.98 -19.60 2.54
CA TYR B 54 -27.58 -18.66 3.50
C TYR B 54 -27.36 -19.18 4.93
N HIS B 55 -27.61 -18.32 5.90
CA HIS B 55 -27.46 -18.74 7.29
C HIS B 55 -28.85 -18.67 7.93
N ASN B 56 -29.36 -17.45 8.12
CA ASN B 56 -30.66 -17.27 8.76
C ASN B 56 -31.74 -16.92 7.73
N SER B 57 -31.41 -16.51 6.50
CA SER B 57 -32.44 -15.93 5.68
C SER B 57 -33.05 -16.99 4.73
N ALA B 58 -33.69 -18.04 5.28
CA ALA B 58 -34.15 -19.17 4.43
C ALA B 58 -35.22 -18.74 3.41
N GLU B 59 -36.18 -17.93 3.84
CA GLU B 59 -37.27 -17.51 3.01
C GLU B 59 -36.76 -16.71 1.81
N ALA B 60 -35.84 -15.77 2.07
CA ALA B 60 -35.26 -14.99 0.97
C ALA B 60 -34.41 -15.89 0.05
N ALA B 61 -33.64 -16.84 0.61
CA ALA B 61 -32.80 -17.71 -0.23
C ALA B 61 -33.68 -18.55 -1.17
N VAL B 62 -34.73 -19.14 -0.61
CA VAL B 62 -35.61 -20.00 -1.38
C VAL B 62 -36.33 -19.19 -2.46
N SER B 63 -36.75 -18.01 -2.09
CA SER B 63 -37.44 -17.14 -3.03
CA SER B 63 -37.42 -17.11 -3.02
C SER B 63 -36.52 -16.78 -4.23
N LEU B 64 -35.26 -16.45 -3.95
CA LEU B 64 -34.31 -16.23 -5.07
C LEU B 64 -34.15 -17.51 -5.91
N ALA B 65 -33.96 -18.68 -5.29
CA ALA B 65 -33.75 -19.94 -6.07
C ALA B 65 -34.98 -20.20 -6.95
N ASP B 66 -36.15 -19.93 -6.38
CA ASP B 66 -37.41 -20.22 -7.17
C ASP B 66 -37.49 -19.28 -8.39
N GLU B 67 -37.15 -18.00 -8.18
CA GLU B 67 -37.09 -16.98 -9.26
C GLU B 67 -36.12 -17.44 -10.35
N LEU B 68 -34.90 -17.85 -9.95
CA LEU B 68 -33.86 -18.30 -10.91
C LEU B 68 -34.24 -19.59 -11.66
N ASN B 69 -34.83 -20.54 -10.95
CA ASN B 69 -35.29 -21.77 -11.58
C ASN B 69 -36.49 -21.53 -12.49
N LYS B 70 -37.28 -20.50 -12.22
CA LYS B 70 -38.39 -20.15 -13.16
C LYS B 70 -37.79 -19.66 -14.47
N GLU B 71 -36.73 -18.86 -14.36
N GLU B 71 -36.70 -18.88 -14.40
CA GLU B 71 -36.00 -18.40 -15.54
CA GLU B 71 -36.00 -18.42 -15.63
C GLU B 71 -35.39 -19.57 -16.31
C GLU B 71 -35.37 -19.61 -16.36
N ARG B 72 -34.68 -20.49 -15.65
CA ARG B 72 -34.09 -21.68 -16.30
C ARG B 72 -34.14 -22.85 -15.32
N SER B 73 -34.84 -23.95 -15.66
CA SER B 73 -35.05 -25.02 -14.67
C SER B 73 -33.72 -25.66 -14.25
N ASN B 74 -33.67 -25.98 -12.96
CA ASN B 74 -32.59 -26.79 -12.41
C ASN B 74 -31.24 -26.03 -12.50
N THR B 75 -31.27 -24.73 -12.26
CA THR B 75 -30.05 -23.93 -12.32
C THR B 75 -29.70 -23.31 -10.94
N ALA B 76 -30.53 -23.50 -9.91
CA ALA B 76 -30.28 -22.82 -8.59
C ALA B 76 -30.65 -23.79 -7.48
N VAL B 77 -29.77 -23.89 -6.47
CA VAL B 77 -30.15 -24.65 -5.23
C VAL B 77 -29.75 -23.75 -4.04
N VAL B 78 -30.35 -23.97 -2.88
CA VAL B 78 -29.89 -23.29 -1.67
C VAL B 78 -29.08 -24.27 -0.79
N CYS B 79 -28.24 -23.68 0.08
CA CYS B 79 -27.42 -24.49 0.98
C CYS B 79 -27.32 -23.71 2.30
N GLN B 80 -27.77 -24.28 3.41
CA GLN B 80 -27.74 -23.53 4.70
C GLN B 80 -26.46 -23.88 5.49
N ALA B 81 -25.80 -22.87 6.07
CA ALA B 81 -24.59 -23.12 6.92
C ALA B 81 -24.28 -21.89 7.77
N ASP B 82 -23.79 -22.14 8.98
CA ASP B 82 -23.32 -21.08 9.86
C ASP B 82 -21.81 -21.02 9.58
N LEU B 83 -21.27 -19.84 9.29
CA LEU B 83 -19.86 -19.71 8.94
C LEU B 83 -19.07 -19.09 10.13
N THR B 84 -19.71 -19.01 11.29
CA THR B 84 -18.98 -18.68 12.55
C THR B 84 -17.81 -19.68 12.76
N ASN B 85 -16.68 -19.20 13.29
CA ASN B 85 -15.53 -20.12 13.53
C ASN B 85 -15.90 -21.12 14.66
N SER B 86 -15.51 -22.38 14.46
CA SER B 86 -15.76 -23.49 15.44
C SER B 86 -15.05 -24.75 14.95
N ASN B 87 -15.15 -25.79 15.79
N ASN B 87 -15.06 -25.83 15.73
CA ASN B 87 -14.59 -27.10 15.50
CA ASN B 87 -14.38 -27.03 15.27
C ASN B 87 -15.20 -27.71 14.23
C ASN B 87 -15.18 -27.73 14.16
N VAL B 88 -16.44 -27.34 13.90
CA VAL B 88 -17.21 -27.95 12.78
C VAL B 88 -17.17 -27.07 11.52
N LEU B 89 -16.68 -25.83 11.63
CA LEU B 89 -16.63 -24.97 10.42
C LEU B 89 -15.92 -25.67 9.23
N PRO B 90 -14.78 -26.38 9.42
CA PRO B 90 -14.18 -27.04 8.24
C PRO B 90 -15.14 -28.02 7.54
N ALA B 91 -15.90 -28.80 8.33
CA ALA B 91 -16.80 -29.74 7.73
C ALA B 91 -17.92 -28.98 7.01
N SER B 92 -18.42 -27.90 7.62
CA SER B 92 -19.47 -27.06 7.00
C SER B 92 -19.02 -26.51 5.64
N CYS B 93 -17.79 -26.02 5.59
CA CYS B 93 -17.30 -25.39 4.33
C CYS B 93 -17.10 -26.48 3.27
N GLU B 94 -16.61 -27.63 3.69
CA GLU B 94 -16.49 -28.74 2.75
C GLU B 94 -17.87 -29.10 2.20
N GLU B 95 -18.88 -29.11 3.06
CA GLU B 95 -20.26 -29.45 2.64
C GLU B 95 -20.83 -28.40 1.66
N ILE B 96 -20.47 -27.13 1.81
CA ILE B 96 -20.98 -26.11 0.88
C ILE B 96 -20.38 -26.37 -0.50
N ILE B 97 -19.06 -26.63 -0.58
CA ILE B 97 -18.48 -26.91 -1.91
C ILE B 97 -19.07 -28.22 -2.45
N ASN B 98 -19.21 -29.24 -1.58
CA ASN B 98 -19.75 -30.56 -2.03
C ASN B 98 -21.16 -30.36 -2.59
N SER B 99 -21.96 -29.43 -2.01
CA SER B 99 -23.32 -29.21 -2.50
C SER B 99 -23.30 -28.75 -3.96
N CYS B 100 -22.30 -27.95 -4.36
CA CYS B 100 -22.25 -27.49 -5.74
C CYS B 100 -21.94 -28.69 -6.68
N PHE B 101 -21.01 -29.57 -6.30
CA PHE B 101 -20.68 -30.74 -7.16
C PHE B 101 -21.86 -31.72 -7.18
N ARG B 102 -22.57 -31.86 -6.07
CA ARG B 102 -23.74 -32.79 -6.11
C ARG B 102 -24.85 -32.22 -7.00
N ALA B 103 -25.10 -30.90 -6.94
CA ALA B 103 -26.19 -30.30 -7.72
C ALA B 103 -25.79 -30.23 -9.20
N PHE B 104 -24.52 -29.89 -9.53
CA PHE B 104 -24.22 -29.42 -10.88
C PHE B 104 -23.02 -30.18 -11.49
N GLY B 105 -22.34 -31.00 -10.71
CA GLY B 105 -21.23 -31.88 -11.19
C GLY B 105 -19.93 -31.11 -11.42
N ARG B 106 -19.87 -29.85 -10.96
CA ARG B 106 -18.65 -29.02 -11.16
C ARG B 106 -18.78 -27.81 -10.22
N CYS B 107 -17.63 -27.11 -9.98
CA CYS B 107 -17.68 -25.87 -9.22
C CYS B 107 -16.57 -25.01 -9.82
N ASP B 108 -17.00 -24.02 -10.60
CA ASP B 108 -16.05 -23.17 -11.32
C ASP B 108 -15.69 -21.90 -10.57
N VAL B 109 -16.66 -21.39 -9.79
CA VAL B 109 -16.44 -20.03 -9.16
C VAL B 109 -16.86 -20.14 -7.69
N LEU B 110 -16.04 -19.54 -6.79
CA LEU B 110 -16.48 -19.35 -5.40
C LEU B 110 -16.48 -17.84 -5.13
N VAL B 111 -17.57 -17.29 -4.58
CA VAL B 111 -17.58 -15.90 -4.19
C VAL B 111 -17.78 -15.88 -2.68
N ASN B 112 -16.74 -15.38 -1.97
CA ASN B 112 -16.80 -15.29 -0.50
C ASN B 112 -17.39 -13.92 -0.16
N ASN B 113 -18.69 -13.91 0.07
CA ASN B 113 -19.45 -12.66 0.26
C ASN B 113 -19.98 -12.50 1.70
N ALA B 114 -20.38 -13.59 2.34
CA ALA B 114 -21.03 -13.55 3.67
C ALA B 114 -20.11 -12.83 4.67
N SER B 115 -20.71 -12.06 5.55
CA SER B 115 -19.87 -11.28 6.41
C SER B 115 -20.71 -10.83 7.63
N ALA B 116 -20.11 -10.89 8.80
CA ALA B 116 -20.68 -10.19 10.02
C ALA B 116 -19.99 -8.82 10.14
N PHE B 117 -20.70 -7.81 10.64
CA PHE B 117 -20.19 -6.44 10.67
C PHE B 117 -20.88 -5.75 11.83
N TYR B 118 -20.12 -5.49 12.88
CA TYR B 118 -20.65 -4.78 14.06
C TYR B 118 -19.45 -4.35 14.90
N PRO B 119 -19.64 -3.35 15.75
CA PRO B 119 -18.51 -2.84 16.48
C PRO B 119 -18.11 -3.76 17.64
N THR B 120 -16.81 -3.72 17.96
CA THR B 120 -16.16 -4.49 19.04
C THR B 120 -15.17 -3.54 19.74
N PRO B 121 -15.68 -2.61 20.59
CA PRO B 121 -14.81 -1.60 21.22
C PRO B 121 -13.73 -2.26 22.09
N LEU B 122 -12.54 -1.66 22.11
CA LEU B 122 -11.41 -2.20 22.88
C LEU B 122 -11.60 -1.85 24.36
N VAL B 123 -12.27 -0.72 24.60
CA VAL B 123 -12.46 -0.21 25.99
C VAL B 123 -13.95 0.02 26.28
N GLN B 124 -14.33 -0.54 27.43
CA GLN B 124 -15.70 -0.73 27.92
C GLN B 124 -16.06 0.43 28.87
N GLY B 133 -24.96 -8.57 23.90
CA GLY B 133 -24.48 -9.28 25.10
C GLY B 133 -23.53 -10.44 24.75
N LYS B 134 -22.91 -10.37 23.57
CA LYS B 134 -22.03 -11.46 23.08
C LYS B 134 -20.72 -11.48 23.85
N THR B 135 -20.20 -12.65 24.15
CA THR B 135 -18.89 -12.70 24.73
C THR B 135 -17.84 -12.31 23.66
N VAL B 136 -16.70 -11.85 24.13
CA VAL B 136 -15.60 -11.50 23.16
C VAL B 136 -15.20 -12.74 22.35
N GLU B 137 -15.22 -13.97 22.92
CA GLU B 137 -14.84 -15.15 22.11
C GLU B 137 -15.89 -15.41 21.02
N THR B 138 -17.17 -15.11 21.29
CA THR B 138 -18.22 -15.19 20.25
C THR B 138 -17.97 -14.12 19.15
N GLN B 139 -17.58 -12.92 19.58
CA GLN B 139 -17.29 -11.80 18.62
C GLN B 139 -16.14 -12.21 17.69
N VAL B 140 -15.09 -12.79 18.28
CA VAL B 140 -13.99 -13.28 17.48
C VAL B 140 -14.48 -14.34 16.49
N ALA B 141 -15.20 -15.34 16.99
CA ALA B 141 -15.64 -16.44 16.12
C ALA B 141 -16.49 -15.90 14.96
N GLU B 142 -17.36 -14.93 15.23
CA GLU B 142 -18.25 -14.47 14.17
C GLU B 142 -17.53 -13.57 13.17
N LEU B 143 -16.81 -12.58 13.70
CA LEU B 143 -16.17 -11.54 12.82
C LEU B 143 -14.95 -12.14 12.11
N ILE B 144 -14.10 -12.93 12.78
CA ILE B 144 -12.96 -13.51 12.11
C ILE B 144 -13.39 -14.77 11.34
N GLY B 145 -14.32 -15.57 11.88
CA GLY B 145 -14.82 -16.77 11.11
C GLY B 145 -15.46 -16.41 9.78
N THR B 146 -16.48 -15.54 9.81
CA THR B 146 -17.19 -15.19 8.53
C THR B 146 -16.27 -14.49 7.54
N ASN B 147 -15.47 -13.53 8.03
CA ASN B 147 -14.74 -12.67 7.09
C ASN B 147 -13.44 -13.30 6.61
N ALA B 148 -12.89 -14.27 7.34
CA ALA B 148 -11.54 -14.71 7.02
C ALA B 148 -11.41 -16.24 7.06
N ILE B 149 -11.79 -16.88 8.16
CA ILE B 149 -11.55 -18.32 8.33
CA ILE B 149 -11.47 -18.30 8.25
C ILE B 149 -12.40 -19.13 7.35
N ALA B 150 -13.68 -18.81 7.33
CA ALA B 150 -14.60 -19.53 6.37
C ALA B 150 -14.12 -19.36 4.91
N PRO B 151 -13.75 -18.11 4.50
CA PRO B 151 -13.17 -18.01 3.14
C PRO B 151 -11.96 -18.94 2.93
N PHE B 152 -11.07 -19.00 3.92
CA PHE B 152 -9.88 -19.90 3.82
C PHE B 152 -10.30 -21.36 3.66
N LEU B 153 -11.20 -21.80 4.51
CA LEU B 153 -11.66 -23.21 4.48
C LEU B 153 -12.41 -23.49 3.18
N LEU B 154 -13.27 -22.56 2.74
CA LEU B 154 -13.95 -22.74 1.44
C LEU B 154 -12.94 -22.82 0.28
N THR B 155 -11.92 -21.97 0.33
CA THR B 155 -10.83 -21.93 -0.68
C THR B 155 -10.10 -23.28 -0.68
N MET B 156 -9.80 -23.83 0.50
CA MET B 156 -9.13 -25.15 0.60
C MET B 156 -10.03 -26.22 -0.06
N SER B 157 -11.30 -26.23 0.31
CA SER B 157 -12.28 -27.24 -0.18
C SER B 157 -12.45 -27.10 -1.70
N PHE B 158 -12.58 -25.86 -2.18
CA PHE B 158 -12.72 -25.59 -3.62
C PHE B 158 -11.50 -26.14 -4.38
N ALA B 159 -10.30 -25.81 -3.92
CA ALA B 159 -9.05 -26.24 -4.60
C ALA B 159 -8.88 -27.76 -4.54
N GLN B 160 -9.19 -28.35 -3.39
CA GLN B 160 -8.96 -29.80 -3.20
C GLN B 160 -9.84 -30.55 -4.22
N ARG B 161 -11.00 -29.98 -4.52
CA ARG B 161 -11.96 -30.60 -5.47
C ARG B 161 -11.42 -30.51 -6.91
N GLN B 162 -10.56 -29.55 -7.21
CA GLN B 162 -10.05 -29.43 -8.59
C GLN B 162 -8.65 -30.11 -8.71
N LYS B 163 -8.28 -30.97 -7.76
CA LYS B 163 -7.03 -31.79 -7.83
C LYS B 163 -5.85 -30.93 -7.40
N SER B 171 -10.75 -24.77 -21.82
CA SER B 171 -12.18 -24.42 -21.72
C SER B 171 -12.49 -23.83 -20.31
N SER B 172 -11.77 -24.30 -19.30
CA SER B 172 -12.12 -23.95 -17.91
C SER B 172 -11.58 -22.56 -17.53
N ASN B 173 -12.25 -21.95 -16.57
CA ASN B 173 -11.91 -20.62 -16.09
C ASN B 173 -12.32 -20.61 -14.61
N LEU B 174 -11.49 -21.20 -13.78
CA LEU B 174 -11.77 -21.34 -12.35
C LEU B 174 -11.30 -20.08 -11.63
N SER B 175 -12.14 -19.53 -10.76
CA SER B 175 -11.63 -18.39 -9.98
C SER B 175 -12.43 -18.23 -8.69
N ILE B 176 -11.82 -17.50 -7.77
CA ILE B 176 -12.45 -17.18 -6.48
C ILE B 176 -12.47 -15.66 -6.41
N VAL B 177 -13.59 -15.07 -5.90
CA VAL B 177 -13.62 -13.62 -5.69
C VAL B 177 -13.98 -13.40 -4.22
N ASN B 178 -13.16 -12.65 -3.52
CA ASN B 178 -13.40 -12.36 -2.08
C ASN B 178 -13.92 -10.92 -1.95
N LEU B 179 -15.00 -10.71 -1.18
CA LEU B 179 -15.55 -9.36 -0.96
C LEU B 179 -14.78 -8.73 0.21
N CYS B 180 -13.96 -7.74 -0.15
CA CYS B 180 -13.05 -7.09 0.74
C CYS B 180 -13.68 -5.73 1.16
N ASP B 181 -12.87 -4.73 1.55
CA ASP B 181 -13.45 -3.48 2.02
C ASP B 181 -12.44 -2.38 1.71
N ALA B 182 -12.87 -1.38 0.91
CA ALA B 182 -11.89 -0.38 0.48
C ALA B 182 -11.43 0.56 1.61
N MET B 183 -12.07 0.50 2.76
CA MET B 183 -11.79 1.42 3.82
C MET B 183 -10.98 0.79 4.95
N VAL B 184 -10.31 -0.33 4.68
CA VAL B 184 -9.66 -1.03 5.83
C VAL B 184 -8.44 -0.30 6.36
N ASP B 185 -7.85 0.62 5.59
CA ASP B 185 -6.81 1.46 6.15
C ASP B 185 -7.27 2.78 6.76
N GLN B 186 -8.58 3.06 6.71
CA GLN B 186 -9.17 4.24 7.31
C GLN B 186 -10.46 3.78 8.01
N PRO B 187 -10.28 2.91 8.99
CA PRO B 187 -11.42 2.08 9.45
C PRO B 187 -12.41 2.88 10.32
N CYS B 188 -13.67 2.38 10.45
CA CYS B 188 -14.57 2.98 11.45
C CYS B 188 -14.04 2.69 12.85
N MET B 189 -14.19 3.72 13.69
CA MET B 189 -13.90 3.67 15.10
C MET B 189 -14.57 2.45 15.76
N ALA B 190 -13.81 1.68 16.54
CA ALA B 190 -14.36 0.57 17.39
C ALA B 190 -14.75 -0.66 16.55
N PHE B 191 -14.22 -0.80 15.33
CA PHE B 191 -14.46 -2.01 14.50
C PHE B 191 -13.18 -2.86 14.33
N SER B 192 -12.38 -3.00 15.40
CA SER B 192 -11.09 -3.65 15.24
CA SER B 192 -11.09 -3.69 15.33
C SER B 192 -11.24 -5.08 14.71
N LEU B 193 -12.17 -5.89 15.27
CA LEU B 193 -12.19 -7.30 14.85
C LEU B 193 -12.67 -7.43 13.41
N TYR B 194 -13.67 -6.63 13.01
CA TYR B 194 -14.11 -6.59 11.63
C TYR B 194 -12.92 -6.24 10.72
N ASN B 195 -12.20 -5.19 11.07
CA ASN B 195 -11.10 -4.74 10.20
CA ASN B 195 -11.05 -4.68 10.29
C ASN B 195 -9.96 -5.78 10.19
N MET B 196 -9.68 -6.42 11.33
CA MET B 196 -8.72 -7.54 11.34
C MET B 196 -9.17 -8.63 10.35
N GLY B 197 -10.47 -9.02 10.40
CA GLY B 197 -10.95 -10.07 9.46
C GLY B 197 -10.79 -9.63 8.01
N LYS B 198 -11.13 -8.37 7.69
CA LYS B 198 -10.99 -7.99 6.26
C LYS B 198 -9.51 -7.84 5.82
N HIS B 199 -8.60 -7.39 6.71
CA HIS B 199 -7.14 -7.44 6.36
C HIS B 199 -6.71 -8.89 6.15
N ALA B 200 -7.19 -9.82 7.03
CA ALA B 200 -6.80 -11.23 6.85
C ALA B 200 -7.29 -11.74 5.48
N LEU B 201 -8.44 -11.23 5.03
CA LEU B 201 -8.99 -11.68 3.74
C LEU B 201 -8.13 -11.17 2.59
N VAL B 202 -7.52 -9.97 2.69
CA VAL B 202 -6.54 -9.49 1.71
C VAL B 202 -5.37 -10.47 1.67
N GLY B 203 -4.86 -10.83 2.85
CA GLY B 203 -3.75 -11.78 2.90
C GLY B 203 -4.14 -13.10 2.26
N LEU B 204 -5.37 -13.59 2.52
CA LEU B 204 -5.79 -14.87 1.86
C LEU B 204 -5.81 -14.70 0.34
N THR B 205 -6.36 -13.58 -0.11
CA THR B 205 -6.48 -13.32 -1.55
C THR B 205 -5.09 -13.42 -2.19
N GLN B 206 -4.10 -12.75 -1.60
CA GLN B 206 -2.73 -12.80 -2.13
C GLN B 206 -2.11 -14.21 -1.99
N SER B 207 -2.17 -14.79 -0.79
CA SER B 207 -1.48 -16.10 -0.58
C SER B 207 -2.12 -17.16 -1.46
N ALA B 208 -3.46 -17.17 -1.53
CA ALA B 208 -4.17 -18.20 -2.36
C ALA B 208 -3.93 -17.94 -3.85
N ALA B 209 -3.82 -16.69 -4.25
CA ALA B 209 -3.49 -16.43 -5.70
C ALA B 209 -2.14 -17.09 -6.04
N LEU B 210 -1.15 -16.86 -5.21
CA LEU B 210 0.19 -17.38 -5.51
C LEU B 210 0.19 -18.93 -5.53
N GLU B 211 -0.50 -19.54 -4.58
CA GLU B 211 -0.41 -20.97 -4.33
C GLU B 211 -1.29 -21.73 -5.33
N LEU B 212 -2.42 -21.11 -5.76
CA LEU B 212 -3.34 -21.82 -6.67
C LEU B 212 -3.08 -21.51 -8.15
N ALA B 213 -2.24 -20.52 -8.47
CA ALA B 213 -1.96 -20.16 -9.87
C ALA B 213 -1.48 -21.42 -10.64
N PRO B 214 -0.70 -22.35 -10.03
CA PRO B 214 -0.36 -23.57 -10.84
C PRO B 214 -1.52 -24.48 -11.29
N TYR B 215 -2.65 -24.43 -10.58
CA TYR B 215 -3.82 -25.17 -10.90
C TYR B 215 -4.71 -24.35 -11.83
N GLY B 216 -4.31 -23.17 -12.22
CA GLY B 216 -5.17 -22.38 -13.10
C GLY B 216 -6.34 -21.72 -12.36
N ILE B 217 -6.25 -21.61 -11.04
CA ILE B 217 -7.34 -20.99 -10.25
C ILE B 217 -6.85 -19.57 -9.96
N ARG B 218 -7.59 -18.59 -10.46
CA ARG B 218 -7.29 -17.19 -10.13
C ARG B 218 -8.03 -16.78 -8.82
N VAL B 219 -7.44 -15.86 -8.06
CA VAL B 219 -8.03 -15.44 -6.75
C VAL B 219 -7.91 -13.92 -6.69
N ASN B 220 -9.05 -13.23 -6.61
CA ASN B 220 -9.09 -11.79 -6.70
C ASN B 220 -10.06 -11.27 -5.62
N GLY B 221 -10.16 -9.93 -5.47
CA GLY B 221 -11.11 -9.36 -4.55
C GLY B 221 -11.85 -8.19 -5.19
N VAL B 222 -12.97 -7.86 -4.61
CA VAL B 222 -13.73 -6.62 -4.90
C VAL B 222 -13.94 -5.90 -3.57
N ALA B 223 -13.50 -4.66 -3.53
CA ALA B 223 -13.54 -3.88 -2.24
C ALA B 223 -14.53 -2.73 -2.38
N PRO B 224 -15.77 -2.88 -1.91
CA PRO B 224 -16.70 -1.73 -1.91
C PRO B 224 -16.25 -0.72 -0.87
N GLY B 225 -16.66 0.54 -1.07
CA GLY B 225 -16.48 1.53 0.01
C GLY B 225 -17.79 1.61 0.79
N VAL B 226 -18.73 2.43 0.30
CA VAL B 226 -20.10 2.31 0.83
C VAL B 226 -21.00 1.87 -0.32
N SER B 227 -21.66 0.72 -0.08
CA SER B 227 -22.64 0.22 -1.00
C SER B 227 -23.97 0.23 -0.22
N LEU B 228 -24.79 -0.81 -0.32
CA LEU B 228 -26.02 -0.84 0.46
C LEU B 228 -25.77 -0.64 1.95
N LEU B 229 -26.33 0.44 2.49
CA LEU B 229 -26.01 0.74 3.88
C LEU B 229 -26.73 -0.26 4.81
N PRO B 230 -26.13 -0.58 5.98
CA PRO B 230 -26.72 -1.59 6.90
C PRO B 230 -28.17 -1.19 7.24
N VAL B 231 -29.06 -2.18 7.35
CA VAL B 231 -30.53 -1.98 7.47
C VAL B 231 -30.85 -1.03 8.65
N ALA B 232 -30.10 -1.07 9.75
CA ALA B 232 -30.32 -0.17 10.93
C ALA B 232 -30.39 1.34 10.63
N MET B 233 -29.29 1.92 10.14
CA MET B 233 -29.08 3.35 9.79
C MET B 233 -30.33 4.06 9.26
N GLY B 234 -30.59 5.30 9.75
CA GLY B 234 -31.69 6.16 9.26
C GLY B 234 -31.27 7.11 8.14
N GLU B 235 -32.23 7.62 7.33
CA GLU B 235 -31.84 8.32 6.05
C GLU B 235 -30.73 9.36 6.28
N GLU B 236 -30.82 10.09 7.40
CA GLU B 236 -29.91 11.22 7.75
C GLU B 236 -28.47 10.70 7.96
N GLU B 237 -28.31 9.57 8.66
CA GLU B 237 -26.97 8.94 8.86
C GLU B 237 -26.46 8.31 7.55
N LYS B 238 -27.36 7.75 6.74
CA LYS B 238 -26.98 7.19 5.44
CA LYS B 238 -26.92 7.18 5.47
C LYS B 238 -26.48 8.34 4.57
N ASP B 239 -27.15 9.48 4.74
CA ASP B 239 -26.86 10.67 4.02
C ASP B 239 -25.50 11.25 4.43
N LYS B 240 -25.10 11.14 5.70
CA LYS B 240 -23.72 11.57 6.09
C LYS B 240 -22.68 10.83 5.22
N TRP B 241 -22.85 9.51 5.05
CA TRP B 241 -21.88 8.71 4.28
C TRP B 241 -22.00 9.03 2.78
N ARG B 242 -23.22 9.07 2.25
CA ARG B 242 -23.42 9.40 0.85
C ARG B 242 -22.72 10.71 0.50
N ARG B 243 -22.81 11.74 1.36
CA ARG B 243 -22.27 13.06 1.07
C ARG B 243 -20.73 13.00 0.99
N LYS B 244 -20.13 11.95 1.54
CA LYS B 244 -18.63 11.87 1.49
C LYS B 244 -18.11 11.29 0.16
N VAL B 245 -18.97 10.67 -0.65
CA VAL B 245 -18.53 9.99 -1.86
C VAL B 245 -18.32 11.02 -2.98
N PRO B 246 -17.08 11.18 -3.44
CA PRO B 246 -16.87 12.16 -4.55
C PRO B 246 -17.71 11.86 -5.80
N LEU B 247 -17.77 10.61 -6.23
CA LEU B 247 -18.37 10.29 -7.49
C LEU B 247 -19.88 10.10 -7.30
N GLY B 248 -20.60 11.23 -7.32
CA GLY B 248 -22.08 11.18 -7.35
C GLY B 248 -22.73 11.36 -5.99
N ARG B 249 -21.95 11.48 -4.90
CA ARG B 249 -22.45 11.60 -3.56
C ARG B 249 -23.58 10.59 -3.30
N ARG B 250 -23.34 9.33 -3.63
CA ARG B 250 -24.31 8.24 -3.36
C ARG B 250 -23.50 6.95 -3.13
N GLU B 251 -24.13 5.98 -2.45
CA GLU B 251 -23.55 4.63 -2.25
C GLU B 251 -23.58 3.81 -3.55
N ALA B 252 -22.74 2.75 -3.70
CA ALA B 252 -22.83 1.89 -4.85
C ALA B 252 -24.08 1.03 -4.70
N SER B 253 -24.71 0.82 -5.85
CA SER B 253 -25.77 -0.21 -5.86
C SER B 253 -25.14 -1.59 -5.64
N ALA B 254 -25.97 -2.56 -5.24
CA ALA B 254 -25.46 -3.94 -5.15
C ALA B 254 -25.03 -4.39 -6.55
N GLU B 255 -25.76 -3.95 -7.61
CA GLU B 255 -25.42 -4.41 -8.96
C GLU B 255 -24.05 -3.85 -9.42
N GLN B 256 -23.69 -2.64 -8.97
CA GLN B 256 -22.38 -2.06 -9.37
C GLN B 256 -21.24 -2.89 -8.73
N ILE B 257 -21.51 -3.35 -7.54
CA ILE B 257 -20.47 -4.24 -6.90
C ILE B 257 -20.44 -5.54 -7.69
N ALA B 258 -21.65 -6.14 -7.95
CA ALA B 258 -21.70 -7.35 -8.77
C ALA B 258 -21.01 -7.20 -10.10
N ASP B 259 -21.08 -6.00 -10.74
CA ASP B 259 -20.46 -5.91 -12.05
C ASP B 259 -18.91 -6.23 -11.99
N ALA B 260 -18.24 -5.80 -10.91
CA ALA B 260 -16.80 -6.03 -10.81
C ALA B 260 -16.57 -7.51 -10.57
N VAL B 261 -17.47 -8.15 -9.80
CA VAL B 261 -17.32 -9.61 -9.62
C VAL B 261 -17.43 -10.31 -10.99
N ILE B 262 -18.45 -9.95 -11.79
CA ILE B 262 -18.65 -10.54 -13.13
C ILE B 262 -17.39 -10.34 -14.01
N PHE B 263 -16.79 -9.14 -13.99
CA PHE B 263 -15.56 -8.91 -14.75
C PHE B 263 -14.48 -9.90 -14.30
N LEU B 264 -14.28 -10.00 -12.97
CA LEU B 264 -13.14 -10.86 -12.48
C LEU B 264 -13.33 -12.34 -12.82
N VAL B 265 -14.56 -12.85 -12.84
CA VAL B 265 -14.72 -14.28 -13.18
C VAL B 265 -14.70 -14.50 -14.69
N SER B 266 -14.74 -13.40 -15.47
CA SER B 266 -14.92 -13.53 -16.94
C SER B 266 -13.60 -13.86 -17.65
N GLY B 267 -13.73 -14.31 -18.92
CA GLY B 267 -12.61 -14.47 -19.88
C GLY B 267 -11.79 -13.19 -20.09
N SER B 268 -12.36 -12.02 -19.80
CA SER B 268 -11.66 -10.70 -19.92
C SER B 268 -10.66 -10.44 -18.78
N ALA B 269 -10.64 -11.35 -17.79
CA ALA B 269 -9.74 -11.16 -16.64
C ALA B 269 -8.84 -12.38 -16.48
N GLN B 270 -8.55 -13.10 -17.59
CA GLN B 270 -7.86 -14.39 -17.44
CA GLN B 270 -7.81 -14.39 -17.60
C GLN B 270 -6.38 -14.25 -17.04
N TYR B 271 -5.81 -13.07 -17.05
CA TYR B 271 -4.39 -12.90 -16.60
C TYR B 271 -4.38 -12.24 -15.22
N ILE B 272 -5.57 -11.95 -14.67
CA ILE B 272 -5.68 -11.15 -13.39
C ILE B 272 -5.76 -12.15 -12.21
N THR B 273 -4.75 -12.13 -11.34
CA THR B 273 -4.86 -12.91 -10.08
C THR B 273 -4.13 -12.13 -8.98
N GLY B 274 -4.64 -12.23 -7.75
CA GLY B 274 -4.03 -11.50 -6.64
C GLY B 274 -4.40 -10.01 -6.66
N SER B 275 -5.40 -9.62 -7.41
CA SER B 275 -5.74 -8.20 -7.52
C SER B 275 -7.00 -7.91 -6.72
N ILE B 276 -7.04 -6.71 -6.11
CA ILE B 276 -8.30 -6.27 -5.45
C ILE B 276 -8.78 -4.97 -6.10
N ILE B 277 -9.96 -5.04 -6.71
CA ILE B 277 -10.59 -3.86 -7.41
C ILE B 277 -11.47 -3.07 -6.42
N LYS B 278 -11.04 -1.85 -6.09
N LYS B 278 -11.08 -1.84 -6.17
CA LYS B 278 -11.89 -0.97 -5.29
CA LYS B 278 -11.81 -0.98 -5.29
C LYS B 278 -13.08 -0.56 -6.17
C LYS B 278 -13.01 -0.41 -6.08
N VAL B 279 -14.23 -0.54 -5.56
CA VAL B 279 -15.47 -0.01 -6.25
C VAL B 279 -16.07 0.89 -5.21
N ASP B 280 -15.47 2.09 -5.08
CA ASP B 280 -15.83 2.95 -3.96
C ASP B 280 -16.10 4.46 -4.28
N GLY B 281 -16.21 4.76 -5.55
CA GLY B 281 -16.64 6.17 -5.95
C GLY B 281 -15.61 7.21 -5.52
N GLY B 282 -14.38 6.77 -5.21
CA GLY B 282 -13.36 7.70 -4.70
C GLY B 282 -13.37 7.92 -3.19
N LEU B 283 -14.20 7.21 -2.42
CA LEU B 283 -14.34 7.48 -1.01
C LEU B 283 -13.00 7.36 -0.25
N SER B 284 -12.21 6.35 -0.59
CA SER B 284 -10.97 6.09 0.15
C SER B 284 -9.88 7.14 -0.14
N LEU B 285 -10.06 7.95 -1.17
CA LEU B 285 -9.13 9.09 -1.50
C LEU B 285 -9.40 10.34 -0.64
N VAL B 286 -10.47 10.34 0.16
CA VAL B 286 -10.98 11.58 0.81
C VAL B 286 -10.38 11.69 2.22
N HIS B 287 -9.62 12.76 2.46
CA HIS B 287 -8.96 12.95 3.75
C HIS B 287 -9.98 13.36 4.82
N ALA B 288 -9.59 13.23 6.08
CA ALA B 288 -10.50 13.56 7.22
C ALA B 288 -10.95 15.02 7.16
N MET C 21 38.14 16.06 11.63
CA MET C 21 37.80 15.26 10.42
C MET C 21 37.21 13.90 10.84
N GLU C 22 37.07 13.72 12.15
CA GLU C 22 36.46 12.52 12.77
C GLU C 22 34.93 12.71 12.90
N ALA C 23 34.44 13.96 12.98
CA ALA C 23 32.98 14.18 13.08
C ALA C 23 32.32 13.91 11.71
N PRO C 24 31.18 13.17 11.71
CA PRO C 24 30.54 13.02 10.39
C PRO C 24 29.91 14.35 9.92
N ALA C 25 29.46 14.41 8.65
CA ALA C 25 28.90 15.65 8.15
C ALA C 25 27.59 15.37 7.37
N ALA C 26 26.69 16.36 7.45
CA ALA C 26 25.30 16.20 6.85
C ALA C 26 24.99 17.43 6.00
N VAL C 27 24.31 17.19 4.88
CA VAL C 27 23.67 18.25 4.12
C VAL C 27 22.18 18.24 4.39
N VAL C 28 21.59 19.40 4.73
CA VAL C 28 20.12 19.50 4.84
C VAL C 28 19.64 20.57 3.87
N THR C 29 18.74 20.18 2.97
CA THR C 29 18.23 21.18 2.05
C THR C 29 17.09 21.96 2.70
N GLY C 30 16.92 23.21 2.27
CA GLY C 30 15.90 24.09 2.86
C GLY C 30 15.99 24.16 4.39
N ALA C 31 17.22 24.35 4.90
CA ALA C 31 17.54 24.18 6.32
C ALA C 31 17.41 25.48 7.13
N ALA C 32 16.98 26.60 6.54
CA ALA C 32 16.99 27.90 7.23
C ALA C 32 15.82 28.01 8.18
N LYS C 33 14.70 27.32 7.89
CA LYS C 33 13.50 27.58 8.71
C LYS C 33 12.77 26.27 8.99
N ARG C 34 11.89 26.32 9.99
CA ARG C 34 10.82 25.32 10.15
C ARG C 34 11.45 23.92 10.26
N ILE C 35 10.95 22.94 9.48
CA ILE C 35 11.36 21.54 9.72
C ILE C 35 12.86 21.35 9.41
N GLY C 36 13.34 21.87 8.26
CA GLY C 36 14.80 21.68 7.93
C GLY C 36 15.72 22.31 8.98
N ARG C 37 15.29 23.42 9.57
CA ARG C 37 16.10 24.03 10.64
C ARG C 37 16.16 23.11 11.86
N ALA C 38 14.97 22.58 12.25
CA ALA C 38 14.93 21.66 13.38
C ALA C 38 15.83 20.42 13.12
N ILE C 39 15.80 19.86 11.88
CA ILE C 39 16.64 18.77 11.52
C ILE C 39 18.13 19.16 11.64
N ALA C 40 18.54 20.27 11.03
CA ALA C 40 19.93 20.71 11.12
C ALA C 40 20.37 20.87 12.58
N VAL C 41 19.52 21.49 13.38
CA VAL C 41 19.85 21.66 14.84
C VAL C 41 20.10 20.30 15.53
N LYS C 42 19.16 19.35 15.33
CA LYS C 42 19.26 18.09 16.00
C LYS C 42 20.44 17.30 15.44
N LEU C 43 20.76 17.37 14.11
CA LEU C 43 21.96 16.64 13.68
C LEU C 43 23.20 17.26 14.37
N HIS C 44 23.23 18.56 14.34
CA HIS C 44 24.39 19.27 15.01
C HIS C 44 24.52 18.84 16.48
N GLN C 45 23.39 18.84 17.20
CA GLN C 45 23.38 18.37 18.61
C GLN C 45 23.87 16.94 18.75
N THR C 46 23.69 16.10 17.73
CA THR C 46 24.14 14.71 17.77
C THR C 46 25.64 14.61 17.43
N GLY C 47 26.27 15.70 16.96
CA GLY C 47 27.69 15.67 16.68
C GLY C 47 28.05 15.81 15.21
N TYR C 48 27.04 16.06 14.36
CA TYR C 48 27.35 16.26 12.92
C TYR C 48 27.83 17.69 12.68
N ARG C 49 28.74 17.84 11.71
CA ARG C 49 28.95 19.12 11.03
C ARG C 49 27.87 19.27 9.94
N VAL C 50 27.42 20.47 9.64
CA VAL C 50 26.20 20.59 8.79
CA VAL C 50 26.19 20.61 8.83
C VAL C 50 26.40 21.66 7.71
N VAL C 51 25.87 21.35 6.52
CA VAL C 51 25.69 22.33 5.45
C VAL C 51 24.24 22.78 5.51
N ILE C 52 23.97 24.06 5.68
CA ILE C 52 22.63 24.66 5.71
C ILE C 52 22.33 25.24 4.33
N HIS C 53 21.55 24.52 3.54
CA HIS C 53 21.24 24.96 2.21
C HIS C 53 20.05 25.93 2.30
N TYR C 54 20.11 26.97 1.47
CA TYR C 54 19.04 27.91 1.39
C TYR C 54 18.86 28.38 -0.06
N HIS C 55 17.69 28.91 -0.35
CA HIS C 55 17.41 29.53 -1.66
C HIS C 55 17.24 31.04 -1.43
N ASN C 56 16.14 31.44 -0.78
CA ASN C 56 15.82 32.83 -0.56
C ASN C 56 16.11 33.23 0.89
N SER C 57 16.36 32.30 1.81
CA SER C 57 16.36 32.69 3.21
C SER C 57 17.81 32.86 3.71
N ALA C 58 18.54 33.81 3.11
CA ALA C 58 19.97 33.98 3.44
C ALA C 58 20.19 34.41 4.89
N GLU C 59 19.44 35.42 5.31
CA GLU C 59 19.64 35.95 6.65
C GLU C 59 19.39 34.84 7.69
N ALA C 60 18.30 34.06 7.51
CA ALA C 60 17.96 33.00 8.49
C ALA C 60 19.01 31.90 8.49
N ALA C 61 19.50 31.54 7.30
CA ALA C 61 20.52 30.48 7.17
C ALA C 61 21.77 30.86 7.94
N VAL C 62 22.19 32.11 7.72
CA VAL C 62 23.41 32.58 8.35
C VAL C 62 23.22 32.71 9.86
N SER C 63 22.06 33.17 10.30
CA SER C 63 21.75 33.26 11.71
CA SER C 63 21.81 33.27 11.74
C SER C 63 21.85 31.87 12.37
N LEU C 64 21.28 30.84 11.71
CA LEU C 64 21.43 29.46 12.26
C LEU C 64 22.91 29.04 12.29
N ALA C 65 23.68 29.27 11.21
CA ALA C 65 25.10 28.81 11.17
C ALA C 65 25.89 29.49 12.32
N ASP C 66 25.59 30.76 12.54
CA ASP C 66 26.23 31.57 13.66
C ASP C 66 25.94 30.88 15.00
N GLU C 67 24.66 30.54 15.21
CA GLU C 67 24.23 29.82 16.42
C GLU C 67 24.98 28.50 16.59
N LEU C 68 25.10 27.67 15.54
CA LEU C 68 25.79 26.40 15.64
C LEU C 68 27.31 26.57 15.82
N ASN C 69 27.90 27.56 15.15
CA ASN C 69 29.37 27.74 15.20
C ASN C 69 29.76 28.32 16.58
N LYS C 70 28.88 29.10 17.20
CA LYS C 70 29.12 29.54 18.60
C LYS C 70 29.19 28.30 19.52
N GLU C 71 28.26 27.33 19.36
CA GLU C 71 28.31 26.09 20.14
C GLU C 71 29.62 25.32 19.88
N ARG C 72 29.96 25.10 18.60
CA ARG C 72 31.19 24.35 18.19
C ARG C 72 31.79 25.02 16.96
N SER C 73 33.06 25.44 17.05
CA SER C 73 33.62 26.28 15.99
C SER C 73 33.74 25.53 14.65
N ASN C 74 33.41 26.24 13.57
CA ASN C 74 33.66 25.74 12.20
C ASN C 74 32.92 24.40 12.00
N THR C 75 31.69 24.34 12.48
CA THR C 75 30.93 23.07 12.30
C THR C 75 29.70 23.29 11.43
N ALA C 76 29.47 24.51 10.96
CA ALA C 76 28.25 24.82 10.12
C ALA C 76 28.63 25.84 9.03
N VAL C 77 28.26 25.52 7.79
CA VAL C 77 28.43 26.41 6.65
C VAL C 77 27.06 26.57 5.96
N VAL C 78 26.91 27.61 5.19
CA VAL C 78 25.71 27.78 4.39
C VAL C 78 26.02 27.51 2.90
N CYS C 79 24.99 27.15 2.14
CA CYS C 79 25.16 26.94 0.69
C CYS C 79 23.90 27.42 -0.01
N GLN C 80 24.00 28.40 -0.92
CA GLN C 80 22.85 28.91 -1.63
C GLN C 80 22.66 28.08 -2.90
N ALA C 81 21.42 27.66 -3.16
CA ALA C 81 21.11 27.16 -4.54
C ALA C 81 19.61 27.19 -4.78
N ASP C 82 19.17 27.53 -6.00
CA ASP C 82 17.74 27.32 -6.40
C ASP C 82 17.54 25.91 -6.81
N LEU C 83 16.50 25.20 -6.28
CA LEU C 83 16.30 23.81 -6.63
C LEU C 83 15.10 23.56 -7.59
N THR C 84 14.61 24.61 -8.19
CA THR C 84 13.72 24.55 -9.39
C THR C 84 14.33 23.64 -10.48
N ASN C 85 13.53 22.81 -11.16
CA ASN C 85 14.04 22.04 -12.38
C ASN C 85 14.50 23.03 -13.49
N SER C 86 15.76 22.89 -13.94
CA SER C 86 16.29 23.61 -15.13
C SER C 86 17.51 22.87 -15.70
N ASN C 87 18.03 23.41 -16.82
CA ASN C 87 19.31 22.93 -17.42
C ASN C 87 20.45 23.03 -16.40
N VAL C 88 20.35 23.98 -15.44
CA VAL C 88 21.40 24.19 -14.36
C VAL C 88 21.13 23.40 -13.06
N LEU C 89 19.94 22.81 -12.89
CA LEU C 89 19.70 22.06 -11.59
C LEU C 89 20.80 21.03 -11.30
N PRO C 90 21.28 20.27 -12.30
CA PRO C 90 22.31 19.28 -12.02
C PRO C 90 23.56 19.94 -11.43
N ALA C 91 23.97 21.08 -12.00
CA ALA C 91 25.15 21.75 -11.49
C ALA C 91 24.89 22.24 -10.06
N SER C 92 23.72 22.79 -9.81
CA SER C 92 23.38 23.28 -8.48
C SER C 92 23.41 22.15 -7.44
N CYS C 93 22.89 20.96 -7.81
CA CYS C 93 22.87 19.81 -6.88
C CYS C 93 24.31 19.32 -6.64
N GLU C 94 25.13 19.24 -7.71
CA GLU C 94 26.55 18.87 -7.55
CA GLU C 94 26.54 18.85 -7.53
C GLU C 94 27.23 19.83 -6.57
N GLU C 95 26.91 21.13 -6.66
CA GLU C 95 27.59 22.16 -5.83
C GLU C 95 27.17 21.99 -4.37
N ILE C 96 25.88 21.66 -4.11
CA ILE C 96 25.47 21.40 -2.70
C ILE C 96 26.33 20.27 -2.09
N ILE C 97 26.48 19.14 -2.77
CA ILE C 97 27.22 18.03 -2.23
C ILE C 97 28.70 18.43 -2.12
N ASN C 98 29.19 19.12 -3.15
CA ASN C 98 30.64 19.53 -3.19
C ASN C 98 30.95 20.42 -1.98
N SER C 99 30.01 21.30 -1.65
CA SER C 99 30.24 22.21 -0.56
C SER C 99 30.45 21.47 0.77
N CYS C 100 29.78 20.32 0.98
CA CYS C 100 30.01 19.53 2.18
C CYS C 100 31.43 18.95 2.18
N PHE C 101 31.87 18.41 1.05
CA PHE C 101 33.19 17.79 0.93
C PHE C 101 34.30 18.85 1.11
N ARG C 102 34.03 20.03 0.59
CA ARG C 102 35.03 21.15 0.72
C ARG C 102 35.19 21.55 2.17
N ALA C 103 34.06 21.84 2.80
CA ALA C 103 34.09 22.30 4.18
C ALA C 103 34.63 21.20 5.11
N PHE C 104 34.21 19.95 4.93
CA PHE C 104 34.33 19.05 6.02
C PHE C 104 35.04 17.77 5.63
N GLY C 105 35.29 17.60 4.35
CA GLY C 105 36.15 16.47 3.92
C GLY C 105 35.39 15.17 3.70
N ARG C 106 34.07 15.24 3.92
CA ARG C 106 33.27 13.99 3.87
C ARG C 106 31.81 14.45 3.80
N CYS C 107 30.92 13.50 3.44
CA CYS C 107 29.48 13.78 3.46
C CYS C 107 28.79 12.43 3.76
N ASP C 108 28.29 12.35 4.96
CA ASP C 108 27.79 11.06 5.49
C ASP C 108 26.29 10.97 5.28
N VAL C 109 25.61 12.11 5.37
CA VAL C 109 24.11 12.15 5.42
C VAL C 109 23.62 13.25 4.48
N LEU C 110 22.57 12.91 3.70
CA LEU C 110 21.83 13.88 2.88
C LEU C 110 20.36 13.86 3.35
N VAL C 111 19.84 15.02 3.70
CA VAL C 111 18.46 15.16 4.08
C VAL C 111 17.79 16.02 3.01
N ASN C 112 16.88 15.41 2.23
CA ASN C 112 16.16 16.11 1.17
C ASN C 112 14.88 16.64 1.82
N ASN C 113 14.94 17.89 2.25
CA ASN C 113 13.85 18.49 3.00
C ASN C 113 13.17 19.60 2.19
N ALA C 114 13.93 20.34 1.37
CA ALA C 114 13.36 21.50 0.64
C ALA C 114 12.12 21.08 -0.20
N SER C 115 11.14 21.95 -0.24
CA SER C 115 9.89 21.60 -0.91
C SER C 115 9.05 22.83 -1.24
N ALA C 116 8.46 22.83 -2.42
CA ALA C 116 7.41 23.82 -2.80
C ALA C 116 6.06 23.15 -2.54
N PHE C 117 5.08 23.93 -2.09
CA PHE C 117 3.76 23.39 -1.76
C PHE C 117 2.69 24.45 -2.09
N TYR C 118 1.83 24.17 -3.07
CA TYR C 118 0.73 25.08 -3.41
C TYR C 118 -0.19 24.37 -4.40
N PRO C 119 -1.44 24.85 -4.52
CA PRO C 119 -2.38 24.12 -5.39
C PRO C 119 -2.14 24.39 -6.88
N THR C 120 -2.50 23.42 -7.71
CA THR C 120 -2.40 23.45 -9.17
C THR C 120 -3.66 22.79 -9.74
N PRO C 121 -4.77 23.55 -9.82
CA PRO C 121 -6.10 23.02 -10.19
C PRO C 121 -6.07 22.46 -11.61
N LEU C 122 -6.82 21.39 -11.87
CA LEU C 122 -6.79 20.78 -13.22
C LEU C 122 -7.76 21.56 -14.14
N VAL C 123 -8.80 22.13 -13.55
CA VAL C 123 -9.80 22.87 -14.34
C VAL C 123 -9.67 24.33 -13.93
N GLN C 124 -9.20 25.15 -14.88
CA GLN C 124 -8.59 26.47 -14.62
C GLN C 124 -9.42 27.56 -15.27
N GLY C 133 0.09 33.65 -11.00
CA GLY C 133 0.34 33.64 -12.43
C GLY C 133 1.71 33.04 -12.76
N LYS C 134 1.95 31.80 -12.33
CA LYS C 134 3.09 31.02 -12.84
C LYS C 134 2.61 30.24 -14.05
N THR C 135 3.42 30.11 -15.12
CA THR C 135 3.01 29.22 -16.16
C THR C 135 2.91 27.81 -15.55
N VAL C 136 2.15 26.95 -16.20
CA VAL C 136 2.09 25.53 -15.78
C VAL C 136 3.51 24.95 -15.80
N GLU C 137 4.35 25.32 -16.78
CA GLU C 137 5.68 24.68 -16.86
C GLU C 137 6.57 25.18 -15.72
N THR C 138 6.30 26.38 -15.22
CA THR C 138 6.98 26.85 -14.00
C THR C 138 6.53 26.05 -12.76
N GLN C 139 5.21 25.88 -12.63
CA GLN C 139 4.63 25.03 -11.54
C GLN C 139 5.26 23.63 -11.57
N VAL C 140 5.41 23.04 -12.74
CA VAL C 140 6.11 21.77 -12.88
C VAL C 140 7.55 21.86 -12.35
N ALA C 141 8.27 22.87 -12.84
CA ALA C 141 9.68 22.94 -12.48
C ALA C 141 9.84 23.08 -10.96
N GLU C 142 8.96 23.78 -10.27
CA GLU C 142 9.02 23.92 -8.84
C GLU C 142 8.49 22.68 -8.10
N LEU C 143 7.24 22.28 -8.37
CA LEU C 143 6.61 21.17 -7.56
C LEU C 143 7.21 19.82 -7.93
N ILE C 144 7.65 19.60 -9.16
CA ILE C 144 8.27 18.32 -9.47
C ILE C 144 9.79 18.48 -9.33
N GLY C 145 10.33 19.62 -9.76
CA GLY C 145 11.78 19.88 -9.63
C GLY C 145 12.27 19.86 -8.20
N THR C 146 11.71 20.76 -7.41
N THR C 146 11.79 20.74 -7.30
CA THR C 146 12.13 20.92 -6.05
CA THR C 146 12.24 20.69 -5.85
C THR C 146 11.82 19.66 -5.23
C THR C 146 11.91 19.36 -5.21
N ASN C 147 10.66 18.96 -5.37
CA ASN C 147 10.28 17.87 -4.48
CA ASN C 147 10.16 17.84 -4.56
C ASN C 147 10.75 16.49 -4.98
N ALA C 148 11.16 16.34 -6.26
CA ALA C 148 11.56 15.01 -6.71
C ALA C 148 12.86 15.02 -7.53
N ILE C 149 12.97 15.91 -8.53
CA ILE C 149 14.13 15.86 -9.42
C ILE C 149 15.39 16.30 -8.65
N ALA C 150 15.30 17.37 -7.88
CA ALA C 150 16.49 17.78 -7.03
C ALA C 150 16.92 16.64 -6.09
N PRO C 151 15.97 15.97 -5.39
CA PRO C 151 16.43 14.86 -4.57
C PRO C 151 17.12 13.77 -5.40
N PHE C 152 16.59 13.50 -6.59
CA PHE C 152 17.22 12.48 -7.45
C PHE C 152 18.67 12.93 -7.80
N LEU C 153 18.82 14.18 -8.21
CA LEU C 153 20.18 14.65 -8.61
C LEU C 153 21.15 14.70 -7.42
N LEU C 154 20.67 15.20 -6.28
CA LEU C 154 21.47 15.20 -5.05
C LEU C 154 21.86 13.77 -4.66
N THR C 155 20.94 12.81 -4.82
CA THR C 155 21.25 11.41 -4.55
C THR C 155 22.38 10.93 -5.46
N MET C 156 22.29 11.23 -6.76
CA MET C 156 23.34 10.78 -7.71
CA MET C 156 23.32 10.78 -7.70
C MET C 156 24.69 11.37 -7.28
N SER C 157 24.67 12.67 -7.00
CA SER C 157 25.95 13.38 -6.60
C SER C 157 26.51 12.79 -5.31
N PHE C 158 25.63 12.59 -4.30
CA PHE C 158 26.05 12.07 -3.02
C PHE C 158 26.68 10.69 -3.23
N ALA C 159 26.03 9.84 -4.02
CA ALA C 159 26.49 8.46 -4.21
C ALA C 159 27.81 8.43 -4.99
N GLN C 160 27.90 9.28 -5.99
CA GLN C 160 29.07 9.33 -6.92
C GLN C 160 30.34 9.71 -6.15
N ARG C 161 30.18 10.55 -5.14
CA ARG C 161 31.31 11.18 -4.47
C ARG C 161 31.75 10.26 -3.32
N GLN C 162 31.15 9.09 -3.15
CA GLN C 162 31.50 8.20 -2.03
C GLN C 162 32.64 7.25 -2.45
N SER C 171 33.53 1.39 9.08
CA SER C 171 32.52 1.78 10.07
C SER C 171 31.85 3.11 9.67
N SER C 172 31.71 3.32 8.34
CA SER C 172 30.90 4.41 7.79
C SER C 172 29.41 4.18 8.07
N ASN C 173 28.61 5.23 8.25
CA ASN C 173 27.13 5.03 8.34
C ASN C 173 26.48 6.07 7.42
N LEU C 174 26.49 5.74 6.13
CA LEU C 174 26.04 6.67 5.09
C LEU C 174 24.54 6.46 4.88
N SER C 175 23.83 7.57 4.82
CA SER C 175 22.33 7.41 4.54
C SER C 175 21.75 8.71 3.97
N ILE C 176 20.60 8.54 3.33
CA ILE C 176 19.82 9.64 2.80
C ILE C 176 18.40 9.54 3.43
N VAL C 177 17.84 10.66 3.85
CA VAL C 177 16.45 10.67 4.36
C VAL C 177 15.69 11.67 3.48
N ASN C 178 14.59 11.20 2.91
CA ASN C 178 13.72 12.04 2.08
C ASN C 178 12.46 12.47 2.85
N LEU C 179 12.11 13.75 2.86
CA LEU C 179 10.88 14.23 3.55
C LEU C 179 9.69 14.04 2.61
N CYS C 180 8.88 13.04 2.98
CA CYS C 180 7.79 12.55 2.19
C CYS C 180 6.48 13.17 2.72
N ASP C 181 5.31 12.52 2.52
CA ASP C 181 4.07 13.16 3.04
C ASP C 181 3.07 12.02 3.35
N ALA C 182 2.61 11.97 4.60
CA ALA C 182 1.83 10.78 5.01
C ALA C 182 0.46 10.81 4.34
N MET C 183 0.09 11.93 3.71
CA MET C 183 -1.29 12.04 3.18
C MET C 183 -1.33 11.89 1.66
N VAL C 184 -0.25 11.32 1.09
CA VAL C 184 -0.08 11.10 -0.37
C VAL C 184 -1.24 10.29 -0.99
N ASP C 185 -1.84 9.37 -0.22
CA ASP C 185 -3.00 8.64 -0.78
C ASP C 185 -4.35 9.23 -0.46
N GLN C 186 -4.42 10.35 0.28
CA GLN C 186 -5.68 10.99 0.56
C GLN C 186 -5.43 12.50 0.42
N PRO C 187 -5.12 12.89 -0.80
CA PRO C 187 -4.42 14.20 -0.93
C PRO C 187 -5.39 15.38 -0.86
N CYS C 188 -4.79 16.55 -0.71
CA CYS C 188 -5.57 17.76 -0.68
C CYS C 188 -6.11 17.99 -2.09
N MET C 189 -7.36 18.48 -2.12
CA MET C 189 -8.08 18.81 -3.37
C MET C 189 -7.29 19.89 -4.17
N ALA C 190 -7.10 19.61 -5.46
CA ALA C 190 -6.45 20.54 -6.38
C ALA C 190 -4.93 20.62 -6.14
N PHE C 191 -4.34 19.63 -5.48
CA PHE C 191 -2.88 19.58 -5.35
C PHE C 191 -2.25 18.47 -6.23
N SER C 192 -2.65 18.28 -7.48
CA SER C 192 -2.14 17.18 -8.30
CA SER C 192 -2.14 17.19 -8.34
C SER C 192 -0.62 17.22 -8.45
N LEU C 193 -0.05 18.36 -8.86
CA LEU C 193 1.41 18.33 -9.12
C LEU C 193 2.22 18.09 -7.86
N TYR C 194 1.82 18.71 -6.74
CA TYR C 194 2.50 18.47 -5.51
C TYR C 194 2.44 16.97 -5.14
N ASN C 195 1.26 16.38 -5.27
CA ASN C 195 1.03 14.92 -4.99
CA ASN C 195 1.12 14.95 -4.95
C ASN C 195 1.89 14.04 -5.91
N MET C 196 1.93 14.40 -7.21
CA MET C 196 2.75 13.69 -8.14
C MET C 196 4.21 13.69 -7.67
N GLY C 197 4.71 14.86 -7.25
CA GLY C 197 6.11 15.03 -6.85
C GLY C 197 6.39 14.19 -5.61
N LYS C 198 5.42 14.14 -4.67
CA LYS C 198 5.71 13.39 -3.43
C LYS C 198 5.60 11.88 -3.70
N HIS C 199 4.75 11.44 -4.62
CA HIS C 199 4.76 10.02 -5.01
C HIS C 199 6.06 9.67 -5.74
N ALA C 200 6.54 10.58 -6.62
CA ALA C 200 7.81 10.36 -7.29
C ALA C 200 8.91 10.18 -6.23
N LEU C 201 8.82 10.96 -5.14
CA LEU C 201 9.86 10.89 -4.07
C LEU C 201 9.78 9.53 -3.36
N VAL C 202 8.59 8.93 -3.20
CA VAL C 202 8.52 7.55 -2.66
C VAL C 202 9.26 6.59 -3.62
N GLY C 203 8.96 6.71 -4.93
CA GLY C 203 9.64 5.90 -5.95
C GLY C 203 11.16 6.06 -5.88
N LEU C 204 11.65 7.29 -5.70
CA LEU C 204 13.11 7.50 -5.58
C LEU C 204 13.62 6.80 -4.33
N THR C 205 12.89 6.96 -3.22
CA THR C 205 13.30 6.33 -1.96
C THR C 205 13.52 4.81 -2.16
N GLN C 206 12.54 4.11 -2.78
CA GLN C 206 12.63 2.67 -2.96
C GLN C 206 13.71 2.32 -3.98
N SER C 207 13.74 3.02 -5.13
CA SER C 207 14.70 2.64 -6.21
C SER C 207 16.16 2.90 -5.76
N ALA C 208 16.38 3.99 -5.07
CA ALA C 208 17.73 4.35 -4.61
C ALA C 208 18.09 3.41 -3.46
N ALA C 209 17.13 3.08 -2.55
CA ALA C 209 17.47 2.06 -1.50
C ALA C 209 17.99 0.78 -2.16
N LEU C 210 17.31 0.29 -3.20
CA LEU C 210 17.73 -0.96 -3.85
C LEU C 210 19.13 -0.82 -4.45
N GLU C 211 19.33 0.22 -5.23
CA GLU C 211 20.52 0.37 -6.07
C GLU C 211 21.74 0.77 -5.23
N LEU C 212 21.55 1.49 -4.11
CA LEU C 212 22.71 1.96 -3.35
C LEU C 212 23.05 1.05 -2.19
N ALA C 213 22.16 0.10 -1.91
CA ALA C 213 22.43 -0.86 -0.82
C ALA C 213 23.83 -1.49 -0.97
N PRO C 214 24.29 -1.84 -2.21
CA PRO C 214 25.62 -2.47 -2.31
C PRO C 214 26.77 -1.57 -1.85
N TYR C 215 26.56 -0.26 -1.85
CA TYR C 215 27.54 0.71 -1.46
C TYR C 215 27.43 1.00 0.04
N GLY C 216 26.52 0.34 0.75
CA GLY C 216 26.28 0.62 2.16
C GLY C 216 25.56 1.95 2.39
N ILE C 217 24.89 2.50 1.38
CA ILE C 217 24.16 3.75 1.55
C ILE C 217 22.70 3.38 1.76
N ARG C 218 22.16 3.66 2.95
CA ARG C 218 20.72 3.42 3.22
C ARG C 218 19.92 4.64 2.71
N VAL C 219 18.68 4.38 2.29
CA VAL C 219 17.84 5.49 1.79
C VAL C 219 16.44 5.30 2.38
N ASN C 220 15.97 6.29 3.17
CA ASN C 220 14.71 6.12 3.87
C ASN C 220 13.92 7.42 3.78
N GLY C 221 12.65 7.41 4.32
CA GLY C 221 11.85 8.61 4.30
C GLY C 221 11.18 8.84 5.66
N VAL C 222 10.81 10.08 5.90
CA VAL C 222 9.98 10.47 7.01
C VAL C 222 8.79 11.21 6.43
N ALA C 223 7.58 10.74 6.80
CA ALA C 223 6.35 11.29 6.18
C ALA C 223 5.52 12.02 7.26
N PRO C 224 5.63 13.33 7.35
CA PRO C 224 4.77 14.06 8.30
C PRO C 224 3.32 14.14 7.82
N GLY C 225 2.44 14.37 8.76
CA GLY C 225 1.04 14.59 8.44
C GLY C 225 0.78 16.07 8.38
N VAL C 226 0.26 16.62 9.45
CA VAL C 226 0.36 18.04 9.61
C VAL C 226 1.41 18.31 10.70
N SER C 227 2.39 19.08 10.28
CA SER C 227 3.44 19.56 11.18
C SER C 227 3.24 21.07 11.14
N LEU C 228 4.30 21.89 11.24
CA LEU C 228 4.12 23.38 11.09
C LEU C 228 3.27 23.69 9.86
N LEU C 229 2.15 24.35 10.11
CA LEU C 229 1.21 24.65 9.00
C LEU C 229 1.82 25.76 8.13
N PRO C 230 1.48 25.80 6.83
CA PRO C 230 2.00 26.91 5.99
C PRO C 230 1.68 28.27 6.66
N VAL C 231 2.69 29.14 6.71
CA VAL C 231 2.58 30.50 7.27
C VAL C 231 1.36 31.23 6.66
N ALA C 232 1.12 31.03 5.36
CA ALA C 232 0.03 31.70 4.62
C ALA C 232 -1.37 31.21 5.07
N MET C 233 -1.44 29.99 5.62
CA MET C 233 -2.72 29.40 5.98
C MET C 233 -3.39 30.23 7.06
N GLY C 234 -4.71 30.44 6.94
CA GLY C 234 -5.47 31.12 8.00
C GLY C 234 -5.55 30.28 9.27
N GLU C 235 -5.81 30.96 10.39
CA GLU C 235 -5.87 30.37 11.73
C GLU C 235 -7.04 29.39 11.84
N GLU C 236 -8.22 29.77 11.33
CA GLU C 236 -9.40 28.87 11.39
C GLU C 236 -9.10 27.54 10.65
N GLU C 237 -8.42 27.62 9.50
CA GLU C 237 -8.14 26.46 8.63
C GLU C 237 -7.10 25.56 9.29
N LYS C 238 -6.11 26.16 9.98
CA LYS C 238 -5.09 25.45 10.79
C LYS C 238 -5.81 24.64 11.88
N ASP C 239 -6.78 25.26 12.56
CA ASP C 239 -7.49 24.57 13.66
C ASP C 239 -8.37 23.42 13.20
N LYS C 240 -9.01 23.62 12.03
CA LYS C 240 -9.78 22.57 11.35
C LYS C 240 -8.90 21.31 11.20
N TRP C 241 -7.66 21.47 10.71
CA TRP C 241 -6.66 20.34 10.58
C TRP C 241 -6.28 19.75 11.93
N ARG C 242 -5.90 20.60 12.91
CA ARG C 242 -5.51 20.10 14.23
C ARG C 242 -6.61 19.23 14.83
N ARG C 243 -7.87 19.63 14.67
CA ARG C 243 -8.99 18.90 15.28
C ARG C 243 -9.12 17.46 14.70
N LYS C 244 -8.57 17.19 13.51
CA LYS C 244 -8.67 15.91 12.76
CA LYS C 244 -8.82 15.85 12.96
C LYS C 244 -7.72 14.86 13.38
N VAL C 245 -6.64 15.33 14.02
CA VAL C 245 -5.51 14.42 14.41
C VAL C 245 -5.87 13.59 15.66
N PRO C 246 -5.90 12.24 15.56
CA PRO C 246 -6.29 11.42 16.73
C PRO C 246 -5.38 11.67 17.95
N LEU C 247 -4.08 11.80 17.74
CA LEU C 247 -3.14 11.81 18.84
C LEU C 247 -2.94 13.27 19.33
N GLY C 248 -3.89 13.74 20.16
CA GLY C 248 -3.71 15.08 20.86
C GLY C 248 -4.27 16.26 20.06
N ARG C 249 -4.87 16.06 18.90
CA ARG C 249 -5.67 17.15 18.24
C ARG C 249 -4.76 18.38 17.99
N ARG C 250 -3.53 18.12 17.56
CA ARG C 250 -2.56 19.19 17.33
C ARG C 250 -1.60 18.70 16.26
N GLU C 251 -0.86 19.67 15.69
CA GLU C 251 0.18 19.33 14.67
C GLU C 251 1.48 18.86 15.34
N ALA C 252 2.31 18.15 14.54
CA ALA C 252 3.64 17.70 15.02
C ALA C 252 4.48 18.97 15.18
N SER C 253 5.29 19.01 16.21
CA SER C 253 6.36 20.05 16.19
C SER C 253 7.37 19.69 15.11
N ALA C 254 8.17 20.69 14.68
CA ALA C 254 9.27 20.38 13.80
C ALA C 254 10.22 19.39 14.49
N GLU C 255 10.41 19.49 15.82
CA GLU C 255 11.39 18.67 16.49
CA GLU C 255 11.40 18.66 16.49
C GLU C 255 10.96 17.19 16.46
N GLN C 256 9.64 16.94 16.45
CA GLN C 256 9.11 15.54 16.40
C GLN C 256 9.44 14.93 15.04
N ILE C 257 9.33 15.76 14.00
CA ILE C 257 9.76 15.27 12.67
C ILE C 257 11.26 14.98 12.67
N ALA C 258 12.04 15.93 13.22
CA ALA C 258 13.48 15.76 13.27
C ALA C 258 13.91 14.52 14.03
N ASP C 259 13.18 14.18 15.10
CA ASP C 259 13.50 12.98 15.92
C ASP C 259 13.50 11.70 15.04
N ALA C 260 12.54 11.59 14.14
CA ALA C 260 12.53 10.40 13.24
C ALA C 260 13.69 10.42 12.25
N VAL C 261 14.06 11.60 11.76
CA VAL C 261 15.24 11.71 10.92
C VAL C 261 16.49 11.24 11.68
N ILE C 262 16.65 11.72 12.94
CA ILE C 262 17.80 11.37 13.75
C ILE C 262 17.85 9.84 13.96
N PHE C 263 16.69 9.22 14.22
CA PHE C 263 16.68 7.75 14.34
C PHE C 263 17.22 7.08 13.05
N LEU C 264 16.68 7.49 11.89
CA LEU C 264 17.01 6.82 10.64
C LEU C 264 18.50 7.00 10.29
N VAL C 265 19.14 8.12 10.66
CA VAL C 265 20.58 8.24 10.31
C VAL C 265 21.48 7.50 11.33
N SER C 266 20.90 7.15 12.47
CA SER C 266 21.66 6.62 13.62
C SER C 266 22.11 5.18 13.38
N GLY C 267 22.99 4.72 14.29
CA GLY C 267 23.39 3.32 14.36
C GLY C 267 22.23 2.38 14.72
N SER C 268 21.17 2.91 15.32
CA SER C 268 19.99 2.05 15.68
C SER C 268 19.12 1.74 14.45
N ALA C 269 19.48 2.27 13.27
CA ALA C 269 18.70 1.99 12.05
C ALA C 269 19.58 1.35 10.97
N GLN C 270 20.67 0.68 11.36
CA GLN C 270 21.65 0.27 10.34
C GLN C 270 21.16 -0.88 9.44
N TYR C 271 20.05 -1.52 9.76
CA TYR C 271 19.48 -2.52 8.83
C TYR C 271 18.25 -1.97 8.06
N ILE C 272 17.89 -0.71 8.29
CA ILE C 272 16.67 -0.10 7.71
C ILE C 272 17.04 0.62 6.42
N THR C 273 16.47 0.16 5.29
CA THR C 273 16.58 0.93 4.05
C THR C 273 15.29 0.70 3.25
N GLY C 274 14.89 1.73 2.52
CA GLY C 274 13.64 1.63 1.74
C GLY C 274 12.38 1.82 2.60
N SER C 275 12.53 2.27 3.84
CA SER C 275 11.43 2.44 4.79
C SER C 275 11.02 3.90 4.85
N ILE C 276 9.69 4.12 4.93
CA ILE C 276 9.18 5.46 5.15
C ILE C 276 8.43 5.45 6.48
N ILE C 277 8.89 6.25 7.47
CA ILE C 277 8.23 6.30 8.78
C ILE C 277 7.21 7.44 8.78
N LYS C 278 5.95 7.11 8.97
CA LYS C 278 4.90 8.13 9.10
CA LYS C 278 4.90 8.09 9.10
C LYS C 278 5.03 8.76 10.48
N VAL C 279 4.96 10.09 10.52
CA VAL C 279 4.98 10.82 11.82
C VAL C 279 3.78 11.78 11.76
N ASP C 280 2.58 11.25 11.95
CA ASP C 280 1.35 11.96 11.62
C ASP C 280 0.28 11.91 12.70
N GLY C 281 0.63 11.35 13.87
CA GLY C 281 -0.38 11.40 15.00
C GLY C 281 -1.64 10.61 14.68
N GLY C 282 -1.54 9.71 13.65
CA GLY C 282 -2.71 8.91 13.25
C GLY C 282 -3.61 9.61 12.23
N LEU C 283 -3.23 10.78 11.69
CA LEU C 283 -4.14 11.52 10.83
C LEU C 283 -4.54 10.68 9.59
N SER C 284 -3.57 9.96 9.04
CA SER C 284 -3.86 9.22 7.77
C SER C 284 -4.79 8.00 7.99
N LEU C 285 -5.06 7.64 9.22
CA LEU C 285 -6.03 6.55 9.53
C LEU C 285 -7.49 7.05 9.60
N VAL C 286 -7.71 8.36 9.52
CA VAL C 286 -9.04 8.92 9.78
C VAL C 286 -9.86 8.99 8.47
N HIS C 287 -11.01 8.31 8.43
CA HIS C 287 -11.81 8.35 7.20
C HIS C 287 -12.51 9.71 7.12
N ALA C 288 -13.05 9.99 5.94
CA ALA C 288 -13.75 11.24 5.61
C ALA C 288 -14.97 11.47 6.53
N GLU D 22 8.74 3.93 40.09
CA GLU D 22 9.28 5.03 39.25
C GLU D 22 9.72 4.48 37.87
N ALA D 23 10.31 3.27 37.82
CA ALA D 23 10.71 2.70 36.53
C ALA D 23 9.44 2.21 35.80
N PRO D 24 9.33 2.56 34.51
CA PRO D 24 8.13 2.01 33.80
C PRO D 24 8.23 0.49 33.62
N ALA D 25 7.09 -0.15 33.24
CA ALA D 25 7.14 -1.63 33.09
C ALA D 25 6.61 -2.02 31.69
N ALA D 26 7.15 -3.13 31.18
CA ALA D 26 6.75 -3.61 29.82
C ALA D 26 6.42 -5.10 29.87
N VAL D 27 5.42 -5.53 29.07
CA VAL D 27 5.22 -6.96 28.82
C VAL D 27 5.76 -7.27 27.41
N VAL D 28 6.59 -8.29 27.31
CA VAL D 28 7.03 -8.79 25.98
C VAL D 28 6.53 -10.23 25.86
N THR D 29 5.72 -10.54 24.83
CA THR D 29 5.31 -11.95 24.64
C THR D 29 6.36 -12.76 23.86
N GLY D 30 6.41 -14.05 24.21
CA GLY D 30 7.43 -14.94 23.62
C GLY D 30 8.84 -14.37 23.79
N ALA D 31 9.15 -13.96 25.03
CA ALA D 31 10.42 -13.20 25.29
C ALA D 31 11.56 -14.13 25.76
N ALA D 32 11.34 -15.44 25.79
CA ALA D 32 12.46 -16.35 26.29
C ALA D 32 13.63 -16.43 25.33
N LYS D 33 13.41 -16.28 24.02
CA LYS D 33 14.48 -16.58 23.05
C LYS D 33 14.42 -15.58 21.90
N ARG D 34 15.49 -15.57 21.12
CA ARG D 34 15.49 -14.91 19.78
C ARG D 34 15.05 -13.45 19.88
N ILE D 35 14.07 -13.01 19.03
CA ILE D 35 13.90 -11.55 18.93
C ILE D 35 13.21 -11.04 20.19
N GLY D 36 12.28 -11.80 20.76
CA GLY D 36 11.59 -11.28 21.95
C GLY D 36 12.56 -11.11 23.13
N ARG D 37 13.48 -12.05 23.21
CA ARG D 37 14.55 -11.96 24.26
C ARG D 37 15.38 -10.69 24.06
N ALA D 38 15.80 -10.41 22.83
CA ALA D 38 16.57 -9.21 22.53
C ALA D 38 15.76 -7.96 22.87
N ILE D 39 14.43 -7.95 22.60
CA ILE D 39 13.59 -6.85 22.96
C ILE D 39 13.51 -6.69 24.49
N ALA D 40 13.39 -7.81 25.24
CA ALA D 40 13.26 -7.71 26.68
C ALA D 40 14.56 -7.12 27.26
N VAL D 41 15.67 -7.61 26.74
CA VAL D 41 17.00 -7.15 27.23
C VAL D 41 17.15 -5.66 26.97
N LYS D 42 16.81 -5.18 25.75
CA LYS D 42 17.06 -3.81 25.46
C LYS D 42 16.08 -2.90 26.22
N LEU D 43 14.82 -3.32 26.46
CA LEU D 43 13.92 -2.54 27.28
C LEU D 43 14.52 -2.43 28.70
N HIS D 44 15.07 -3.54 29.14
CA HIS D 44 15.60 -3.59 30.56
C HIS D 44 16.78 -2.62 30.66
N GLN D 45 17.63 -2.62 29.62
CA GLN D 45 18.82 -1.76 29.54
C GLN D 45 18.43 -0.28 29.49
N THR D 46 17.24 0.02 28.96
CA THR D 46 16.69 1.34 28.82
C THR D 46 16.09 1.80 30.16
N GLY D 47 15.89 0.91 31.14
CA GLY D 47 15.28 1.35 32.40
C GLY D 47 13.95 0.65 32.73
N TYR D 48 13.43 -0.21 31.83
CA TYR D 48 12.13 -0.83 32.11
C TYR D 48 12.30 -2.04 33.03
N ARG D 49 11.25 -2.25 33.82
CA ARG D 49 10.97 -3.56 34.45
C ARG D 49 10.18 -4.41 33.43
N VAL D 50 10.45 -5.72 33.37
CA VAL D 50 9.91 -6.57 32.27
C VAL D 50 9.17 -7.80 32.79
N VAL D 51 8.01 -8.09 32.13
CA VAL D 51 7.40 -9.41 32.24
C VAL D 51 7.84 -10.19 31.02
N ILE D 52 8.48 -11.33 31.26
CA ILE D 52 8.97 -12.18 30.22
C ILE D 52 7.90 -13.25 30.07
N HIS D 53 6.98 -13.07 29.12
CA HIS D 53 6.02 -14.14 28.80
C HIS D 53 6.72 -15.30 28.02
N TYR D 54 6.30 -16.55 28.30
CA TYR D 54 6.78 -17.72 27.52
C TYR D 54 5.65 -18.76 27.48
N HIS D 55 5.77 -19.75 26.61
CA HIS D 55 4.79 -20.83 26.49
C HIS D 55 5.53 -22.12 26.91
N ASN D 56 6.46 -22.57 26.08
CA ASN D 56 7.18 -23.82 26.34
C ASN D 56 8.59 -23.57 26.90
N SER D 57 9.16 -22.37 26.72
CA SER D 57 10.59 -22.24 26.97
C SER D 57 10.82 -21.79 28.43
N ALA D 58 10.48 -22.66 29.38
CA ALA D 58 10.49 -22.29 30.81
C ALA D 58 11.92 -22.06 31.29
N GLU D 59 12.86 -22.93 30.94
CA GLU D 59 14.25 -22.77 31.39
C GLU D 59 14.87 -21.47 30.88
N ALA D 60 14.76 -21.19 29.57
CA ALA D 60 15.27 -19.96 28.98
C ALA D 60 14.59 -18.71 29.60
N ALA D 61 13.28 -18.75 29.89
CA ALA D 61 12.60 -17.58 30.46
C ALA D 61 13.16 -17.26 31.86
N VAL D 62 13.24 -18.28 32.71
CA VAL D 62 13.72 -18.10 34.11
C VAL D 62 15.20 -17.67 34.10
N SER D 63 15.95 -18.25 33.20
CA SER D 63 17.33 -17.88 33.03
C SER D 63 17.47 -16.40 32.64
N LEU D 64 16.64 -15.90 31.71
CA LEU D 64 16.76 -14.46 31.35
C LEU D 64 16.37 -13.62 32.58
N ALA D 65 15.28 -13.98 33.27
CA ALA D 65 14.80 -13.18 34.41
C ALA D 65 15.90 -13.09 35.49
N ASP D 66 16.60 -14.21 35.67
CA ASP D 66 17.75 -14.26 36.62
C ASP D 66 18.82 -13.30 36.20
N GLU D 67 19.16 -13.30 34.92
CA GLU D 67 20.20 -12.41 34.43
C GLU D 67 19.77 -10.94 34.64
N LEU D 68 18.53 -10.58 34.32
CA LEU D 68 18.10 -9.20 34.42
C LEU D 68 18.03 -8.77 35.90
N ASN D 69 17.59 -9.69 36.76
CA ASN D 69 17.44 -9.34 38.21
C ASN D 69 18.82 -9.25 38.88
N LYS D 70 19.78 -10.03 38.40
CA LYS D 70 21.16 -9.89 38.90
C LYS D 70 21.67 -8.49 38.58
N GLU D 71 21.28 -7.92 37.43
CA GLU D 71 21.65 -6.55 37.05
C GLU D 71 20.88 -5.51 37.89
N ARG D 72 19.56 -5.65 38.04
CA ARG D 72 18.79 -4.75 38.93
C ARG D 72 17.72 -5.57 39.66
N SER D 73 17.82 -5.71 40.98
CA SER D 73 16.90 -6.59 41.69
CA SER D 73 16.89 -6.62 41.68
C SER D 73 15.43 -6.19 41.47
N ASN D 74 14.56 -7.21 41.38
CA ASN D 74 13.08 -7.04 41.37
C ASN D 74 12.64 -6.27 40.10
N THR D 75 13.29 -6.58 38.99
CA THR D 75 12.97 -5.85 37.74
C THR D 75 12.49 -6.81 36.63
N ALA D 76 12.41 -8.11 36.88
CA ALA D 76 12.00 -9.12 35.85
C ALA D 76 11.16 -10.21 36.50
N VAL D 77 10.03 -10.56 35.88
CA VAL D 77 9.26 -11.76 36.29
C VAL D 77 8.95 -12.53 35.00
N VAL D 78 8.62 -13.81 35.12
CA VAL D 78 8.17 -14.62 33.99
C VAL D 78 6.66 -14.86 34.15
N CYS D 79 6.00 -15.17 33.03
CA CYS D 79 4.58 -15.44 33.03
C CYS D 79 4.31 -16.46 31.93
N GLN D 80 3.72 -17.61 32.28
CA GLN D 80 3.55 -18.68 31.30
C GLN D 80 2.11 -18.60 30.72
N ALA D 81 1.99 -18.72 29.39
CA ALA D 81 0.64 -18.80 28.81
C ALA D 81 0.71 -19.31 27.37
N ASP D 82 -0.35 -20.03 27.00
CA ASP D 82 -0.52 -20.55 25.65
C ASP D 82 -1.37 -19.49 24.96
N LEU D 83 -0.94 -19.03 23.80
CA LEU D 83 -1.67 -17.95 23.10
C LEU D 83 -2.41 -18.50 21.87
N THR D 84 -2.61 -19.82 21.83
CA THR D 84 -3.50 -20.44 20.82
C THR D 84 -4.92 -19.89 21.04
N ASN D 85 -5.73 -19.73 19.97
CA ASN D 85 -7.08 -19.24 20.15
C ASN D 85 -7.93 -20.35 20.82
N SER D 86 -8.76 -19.90 21.73
CA SER D 86 -9.71 -20.79 22.45
C SER D 86 -10.65 -19.95 23.29
N ASN D 87 -11.65 -20.59 23.86
CA ASN D 87 -12.57 -19.84 24.70
C ASN D 87 -11.90 -19.31 25.99
N VAL D 88 -10.72 -19.82 26.36
CA VAL D 88 -9.96 -19.30 27.54
C VAL D 88 -8.82 -18.35 27.14
N LEU D 89 -8.62 -18.12 25.84
CA LEU D 89 -7.56 -17.13 25.49
C LEU D 89 -7.78 -15.76 26.14
N PRO D 90 -8.99 -15.22 26.20
CA PRO D 90 -9.18 -13.93 26.82
C PRO D 90 -8.73 -13.88 28.30
N ALA D 91 -9.00 -14.96 29.05
CA ALA D 91 -8.56 -14.98 30.41
C ALA D 91 -7.03 -15.09 30.46
N SER D 92 -6.38 -15.82 29.54
CA SER D 92 -4.93 -15.91 29.60
C SER D 92 -4.27 -14.56 29.31
N CYS D 93 -4.89 -13.83 28.36
CA CYS D 93 -4.31 -12.51 27.99
C CYS D 93 -4.55 -11.53 29.15
N GLU D 94 -5.72 -11.59 29.78
CA GLU D 94 -5.96 -10.73 30.93
C GLU D 94 -4.92 -11.02 32.02
N GLU D 95 -4.56 -12.30 32.20
CA GLU D 95 -3.62 -12.70 33.24
C GLU D 95 -2.22 -12.16 32.94
N ILE D 96 -1.81 -12.16 31.66
CA ILE D 96 -0.48 -11.65 31.30
C ILE D 96 -0.42 -10.18 31.69
N ILE D 97 -1.45 -9.37 31.37
CA ILE D 97 -1.41 -7.96 31.72
C ILE D 97 -1.48 -7.83 33.25
N ASN D 98 -2.35 -8.62 33.87
CA ASN D 98 -2.46 -8.59 35.38
C ASN D 98 -1.10 -8.91 36.03
N SER D 99 -0.31 -9.83 35.48
CA SER D 99 1.00 -10.17 36.04
CA SER D 99 0.99 -10.17 36.07
C SER D 99 1.93 -8.94 36.10
N CYS D 100 1.83 -8.07 35.11
CA CYS D 100 2.65 -6.86 35.11
C CYS D 100 2.20 -5.92 36.22
N PHE D 101 0.90 -5.79 36.39
CA PHE D 101 0.42 -4.92 37.45
C PHE D 101 0.76 -5.52 38.82
N ARG D 102 0.64 -6.84 38.95
CA ARG D 102 0.93 -7.44 40.28
C ARG D 102 2.42 -7.24 40.61
N ALA D 103 3.33 -7.54 39.67
CA ALA D 103 4.76 -7.38 39.95
C ALA D 103 5.13 -5.91 40.11
N PHE D 104 4.64 -4.99 39.26
CA PHE D 104 5.29 -3.68 39.17
C PHE D 104 4.35 -2.52 39.41
N GLY D 105 3.04 -2.76 39.51
CA GLY D 105 2.06 -1.72 39.85
C GLY D 105 1.63 -0.84 38.68
N ARG D 106 2.14 -1.16 37.48
CA ARG D 106 1.85 -0.34 36.28
C ARG D 106 2.19 -1.18 35.06
N CYS D 107 1.69 -0.76 33.89
CA CYS D 107 2.09 -1.47 32.66
C CYS D 107 2.10 -0.40 31.54
N ASP D 108 3.30 -0.01 31.14
CA ASP D 108 3.44 1.13 30.21
C ASP D 108 3.53 0.72 28.76
N VAL D 109 4.09 -0.45 28.57
CA VAL D 109 4.43 -0.96 27.17
C VAL D 109 4.00 -2.43 27.03
N LEU D 110 3.35 -2.74 25.90
CA LEU D 110 3.04 -4.12 25.52
C LEU D 110 3.76 -4.36 24.18
N VAL D 111 4.56 -5.42 24.12
CA VAL D 111 5.18 -5.85 22.84
C VAL D 111 4.57 -7.20 22.44
N ASN D 112 3.85 -7.22 21.28
CA ASN D 112 3.19 -8.44 20.81
C ASN D 112 4.16 -9.15 19.86
N ASN D 113 4.99 -10.04 20.39
CA ASN D 113 6.07 -10.60 19.68
C ASN D 113 5.84 -12.12 19.44
N ALA D 114 5.15 -12.85 20.35
CA ALA D 114 4.99 -14.32 20.20
C ALA D 114 4.32 -14.69 18.87
N SER D 115 4.72 -15.79 18.27
CA SER D 115 4.17 -16.09 16.94
C SER D 115 4.41 -17.55 16.57
N ALA D 116 3.37 -18.25 16.10
CA ALA D 116 3.52 -19.52 15.40
C ALA D 116 3.80 -19.22 13.92
N PHE D 117 4.66 -20.06 13.31
CA PHE D 117 5.06 -19.87 11.91
C PHE D 117 5.35 -21.24 11.30
N TYR D 118 4.48 -21.72 10.41
CA TYR D 118 4.73 -23.03 9.74
C TYR D 118 3.73 -23.09 8.57
N PRO D 119 4.01 -23.94 7.59
CA PRO D 119 3.16 -23.93 6.43
C PRO D 119 1.84 -24.67 6.68
N THR D 120 0.83 -24.20 5.93
CA THR D 120 -0.55 -24.72 5.94
C THR D 120 -1.01 -24.77 4.49
N PRO D 121 -0.58 -25.78 3.70
CA PRO D 121 -0.89 -25.81 2.25
C PRO D 121 -2.41 -25.91 2.04
N LEU D 122 -2.89 -25.24 0.98
CA LEU D 122 -4.33 -25.28 0.63
C LEU D 122 -4.72 -26.63 0.00
N VAL D 123 -3.77 -27.28 -0.70
CA VAL D 123 -4.07 -28.61 -1.37
C VAL D 123 -3.16 -29.70 -0.80
N GLN D 124 -3.79 -30.82 -0.41
CA GLN D 124 -3.16 -32.01 0.24
C GLN D 124 -2.97 -33.12 -0.81
N GLY D 133 0.95 -33.07 11.77
CA GLY D 133 -0.20 -33.93 12.02
C GLY D 133 -1.30 -33.19 12.77
N LYS D 134 -1.36 -31.86 12.62
CA LYS D 134 -2.38 -31.05 13.32
C LYS D 134 -3.65 -30.96 12.47
N THR D 135 -4.81 -30.89 13.11
CA THR D 135 -6.08 -30.70 12.41
C THR D 135 -6.05 -29.25 11.88
N VAL D 136 -6.84 -29.01 10.84
CA VAL D 136 -6.90 -27.64 10.30
C VAL D 136 -7.45 -26.72 11.41
N GLU D 137 -8.37 -27.19 12.25
CA GLU D 137 -8.90 -26.29 13.29
C GLU D 137 -7.79 -25.88 14.28
N THR D 138 -6.87 -26.78 14.61
CA THR D 138 -5.67 -26.44 15.46
C THR D 138 -4.72 -25.44 14.75
N GLN D 139 -4.47 -25.64 13.45
CA GLN D 139 -3.58 -24.72 12.74
CA GLN D 139 -3.64 -24.75 12.61
C GLN D 139 -4.21 -23.32 12.72
N VAL D 140 -5.52 -23.23 12.52
CA VAL D 140 -6.18 -21.91 12.54
C VAL D 140 -6.01 -21.31 13.96
N ALA D 141 -6.27 -22.13 15.01
CA ALA D 141 -6.23 -21.62 16.38
C ALA D 141 -4.82 -21.12 16.72
N GLU D 142 -3.78 -21.84 16.27
CA GLU D 142 -2.42 -21.47 16.59
C GLU D 142 -1.93 -20.27 15.77
N LEU D 143 -2.14 -20.31 14.45
CA LEU D 143 -1.55 -19.27 13.60
C LEU D 143 -2.37 -17.97 13.70
N ILE D 144 -3.69 -18.04 13.73
CA ILE D 144 -4.48 -16.81 13.86
C ILE D 144 -4.54 -16.40 15.34
N GLY D 145 -4.56 -17.36 16.26
CA GLY D 145 -4.57 -16.94 17.69
C GLY D 145 -3.29 -16.23 18.11
N THR D 146 -2.12 -16.84 17.85
CA THR D 146 -0.84 -16.19 18.30
C THR D 146 -0.57 -14.87 17.56
N ASN D 147 -0.76 -14.85 16.24
CA ASN D 147 -0.33 -13.72 15.43
C ASN D 147 -1.35 -12.57 15.46
N ALA D 148 -2.61 -12.84 15.81
CA ALA D 148 -3.65 -11.80 15.66
C ALA D 148 -4.60 -11.73 16.87
N ILE D 149 -5.25 -12.84 17.25
CA ILE D 149 -6.29 -12.78 18.29
CA ILE D 149 -6.30 -12.69 18.26
C ILE D 149 -5.68 -12.41 19.64
N ALA D 150 -4.63 -13.08 19.99
CA ALA D 150 -3.97 -12.79 21.29
C ALA D 150 -3.48 -11.33 21.34
N PRO D 151 -2.83 -10.85 20.26
CA PRO D 151 -2.53 -9.43 20.31
C PRO D 151 -3.76 -8.53 20.54
N PHE D 152 -4.89 -8.85 19.93
CA PHE D 152 -6.09 -8.04 20.12
C PHE D 152 -6.53 -8.10 21.59
N LEU D 153 -6.60 -9.33 22.14
CA LEU D 153 -7.09 -9.44 23.54
C LEU D 153 -6.08 -8.80 24.51
N LEU D 154 -4.79 -8.99 24.27
CA LEU D 154 -3.74 -8.29 25.08
C LEU D 154 -3.88 -6.77 25.00
N THR D 155 -4.17 -6.26 23.79
CA THR D 155 -4.45 -4.83 23.61
C THR D 155 -5.66 -4.36 24.44
N MET D 156 -6.78 -5.12 24.38
CA MET D 156 -8.01 -4.83 25.12
CA MET D 156 -7.98 -4.77 25.12
C MET D 156 -7.69 -4.73 26.63
N SER D 157 -6.98 -5.76 27.12
CA SER D 157 -6.65 -5.87 28.57
C SER D 157 -5.71 -4.74 28.98
N PHE D 158 -4.69 -4.49 28.15
CA PHE D 158 -3.75 -3.37 28.38
C PHE D 158 -4.52 -2.04 28.50
N ALA D 159 -5.43 -1.78 27.56
CA ALA D 159 -6.16 -0.52 27.50
C ALA D 159 -7.09 -0.38 28.69
N GLN D 160 -7.77 -1.49 28.99
CA GLN D 160 -8.82 -1.46 30.01
C GLN D 160 -8.17 -1.14 31.36
N ARG D 161 -6.97 -1.70 31.60
CA ARG D 161 -6.32 -1.56 32.92
C ARG D 161 -5.67 -0.19 33.08
N GLN D 162 -5.66 0.67 32.06
CA GLN D 162 -5.14 2.03 32.23
C GLN D 162 -6.20 2.91 32.90
N SER D 172 3.94 10.17 31.42
CA SER D 172 3.82 8.76 31.03
C SER D 172 3.64 8.64 29.51
N ASN D 173 4.11 7.52 28.99
CA ASN D 173 4.29 7.34 27.55
C ASN D 173 3.86 5.89 27.26
N LEU D 174 2.56 5.71 27.13
CA LEU D 174 1.98 4.35 27.00
C LEU D 174 2.05 3.95 25.52
N SER D 175 2.49 2.73 25.23
CA SER D 175 2.42 2.32 23.79
C SER D 175 2.48 0.80 23.61
N ILE D 176 2.08 0.36 22.41
CA ILE D 176 2.05 -1.05 22.10
C ILE D 176 2.86 -1.17 20.81
N VAL D 177 3.67 -2.17 20.74
CA VAL D 177 4.43 -2.45 19.46
C VAL D 177 4.12 -3.88 19.05
N ASN D 178 3.61 -4.02 17.81
CA ASN D 178 3.25 -5.34 17.25
C ASN D 178 4.33 -5.79 16.30
N LEU D 179 4.88 -7.04 16.44
CA LEU D 179 5.86 -7.54 15.47
C LEU D 179 5.10 -8.08 14.26
N CYS D 180 5.26 -7.35 13.16
CA CYS D 180 4.57 -7.64 11.92
C CYS D 180 5.54 -8.36 10.98
N ASP D 181 5.35 -8.28 9.66
CA ASP D 181 6.24 -9.04 8.75
C ASP D 181 6.35 -8.26 7.44
N ALA D 182 7.57 -7.84 7.07
CA ALA D 182 7.72 -6.96 5.89
C ALA D 182 7.31 -7.68 4.58
N MET D 183 7.23 -9.00 4.63
CA MET D 183 7.05 -9.75 3.36
C MET D 183 5.59 -10.21 3.16
N VAL D 184 4.64 -9.60 3.83
CA VAL D 184 3.29 -10.19 3.79
C VAL D 184 2.60 -9.92 2.46
N ASP D 185 3.06 -8.97 1.66
CA ASP D 185 2.53 -8.88 0.30
C ASP D 185 3.33 -9.67 -0.73
N GLN D 186 4.38 -10.36 -0.31
CA GLN D 186 5.12 -11.24 -1.19
C GLN D 186 5.44 -12.51 -0.37
N PRO D 187 4.35 -13.25 -0.05
CA PRO D 187 4.43 -14.26 1.04
C PRO D 187 5.16 -15.54 0.59
N CYS D 188 5.63 -16.30 1.58
CA CYS D 188 6.13 -17.65 1.24
C CYS D 188 5.00 -18.57 0.81
N MET D 189 5.32 -19.37 -0.21
CA MET D 189 4.39 -20.35 -0.76
C MET D 189 3.85 -21.23 0.38
N ALA D 190 2.52 -21.39 0.48
CA ALA D 190 1.85 -22.35 1.38
C ALA D 190 1.75 -21.86 2.83
N PHE D 191 2.01 -20.57 3.05
CA PHE D 191 1.88 -19.97 4.39
C PHE D 191 0.59 -19.13 4.50
N SER D 192 -0.55 -19.58 3.93
CA SER D 192 -1.73 -18.69 3.90
CA SER D 192 -1.80 -18.76 3.92
C SER D 192 -2.19 -18.32 5.34
N LEU D 193 -2.29 -19.26 6.30
CA LEU D 193 -2.80 -18.88 7.60
C LEU D 193 -1.86 -17.94 8.35
N TYR D 194 -0.55 -18.18 8.32
CA TYR D 194 0.40 -17.25 8.92
C TYR D 194 0.19 -15.84 8.32
N ASN D 195 0.13 -15.76 6.98
CA ASN D 195 0.01 -14.48 6.25
CA ASN D 195 0.02 -14.45 6.30
C ASN D 195 -1.31 -13.77 6.60
N MET D 196 -2.39 -14.55 6.70
CA MET D 196 -3.67 -14.00 7.15
C MET D 196 -3.48 -13.41 8.56
N GLY D 197 -2.81 -14.13 9.45
CA GLY D 197 -2.65 -13.60 10.84
C GLY D 197 -1.85 -12.30 10.85
N LYS D 198 -0.77 -12.25 10.10
CA LYS D 198 0.09 -11.04 10.07
C LYS D 198 -0.66 -9.90 9.39
N HIS D 199 -1.43 -10.17 8.32
CA HIS D 199 -2.28 -9.05 7.78
C HIS D 199 -3.28 -8.57 8.81
N ALA D 200 -3.93 -9.52 9.55
CA ALA D 200 -4.85 -9.10 10.62
C ALA D 200 -4.14 -8.22 11.67
N LEU D 201 -2.90 -8.52 11.95
CA LEU D 201 -2.12 -7.72 12.94
C LEU D 201 -1.87 -6.28 12.44
N VAL D 202 -1.69 -6.11 11.10
CA VAL D 202 -1.62 -4.74 10.53
C VAL D 202 -2.96 -4.02 10.80
N GLY D 203 -4.06 -4.74 10.54
CA GLY D 203 -5.37 -4.19 10.77
C GLY D 203 -5.56 -3.77 12.22
N LEU D 204 -5.10 -4.62 13.13
CA LEU D 204 -5.21 -4.30 14.57
C LEU D 204 -4.35 -3.05 14.89
N THR D 205 -3.13 -3.01 14.35
CA THR D 205 -2.23 -1.85 14.61
C THR D 205 -2.97 -0.55 14.24
N GLN D 206 -3.58 -0.52 13.05
CA GLN D 206 -4.27 0.71 12.58
C GLN D 206 -5.51 0.97 13.44
N SER D 207 -6.39 -0.05 13.63
CA SER D 207 -7.65 0.15 14.31
C SER D 207 -7.39 0.56 15.76
N ALA D 208 -6.49 -0.10 16.45
CA ALA D 208 -6.23 0.26 17.86
C ALA D 208 -5.52 1.63 17.97
N ALA D 209 -4.65 1.97 17.00
CA ALA D 209 -4.01 3.31 17.02
C ALA D 209 -5.11 4.36 16.97
N LEU D 210 -6.07 4.20 16.05
CA LEU D 210 -7.17 5.16 15.94
C LEU D 210 -7.96 5.23 17.27
N GLU D 211 -8.32 4.07 17.80
CA GLU D 211 -9.27 4.02 18.92
C GLU D 211 -8.63 4.40 20.27
N LEU D 212 -7.35 4.09 20.47
CA LEU D 212 -6.68 4.33 21.75
C LEU D 212 -5.94 5.68 21.78
N ALA D 213 -5.84 6.37 20.64
CA ALA D 213 -5.19 7.72 20.63
C ALA D 213 -5.82 8.66 21.68
N PRO D 214 -7.16 8.74 21.79
CA PRO D 214 -7.73 9.61 22.86
C PRO D 214 -7.32 9.23 24.29
N TYR D 215 -6.80 8.03 24.53
CA TYR D 215 -6.30 7.70 25.88
C TYR D 215 -4.78 7.87 25.97
N GLY D 216 -4.14 8.43 24.93
CA GLY D 216 -2.72 8.63 24.93
C GLY D 216 -1.92 7.35 24.74
N ILE D 217 -2.56 6.30 24.17
CA ILE D 217 -1.81 5.06 23.97
C ILE D 217 -1.48 5.00 22.46
N ARG D 218 -0.21 4.89 22.17
CA ARG D 218 0.23 4.83 20.74
C ARG D 218 0.31 3.36 20.35
N VAL D 219 0.08 3.03 19.06
CA VAL D 219 0.12 1.63 18.68
C VAL D 219 0.88 1.58 17.33
N ASN D 220 1.98 0.86 17.27
CA ASN D 220 2.84 0.88 16.04
C ASN D 220 3.34 -0.53 15.82
N GLY D 221 3.99 -0.78 14.68
CA GLY D 221 4.54 -2.05 14.39
C GLY D 221 5.99 -1.98 13.93
N VAL D 222 6.72 -3.09 14.08
CA VAL D 222 8.03 -3.32 13.51
C VAL D 222 7.92 -4.55 12.62
N ALA D 223 8.39 -4.44 11.38
CA ALA D 223 8.19 -5.52 10.38
C ALA D 223 9.57 -5.99 9.89
N PRO D 224 10.09 -7.08 10.50
CA PRO D 224 11.34 -7.69 9.97
C PRO D 224 11.13 -8.32 8.58
N GLY D 225 12.20 -8.41 7.80
CA GLY D 225 12.23 -9.18 6.54
C GLY D 225 12.70 -10.59 6.88
N VAL D 226 14.01 -10.83 6.76
CA VAL D 226 14.57 -12.02 7.40
C VAL D 226 15.49 -11.53 8.51
N SER D 227 15.19 -12.02 9.70
CA SER D 227 16.02 -11.81 10.86
C SER D 227 16.52 -13.21 11.23
N LEU D 228 16.48 -13.56 12.50
CA LEU D 228 17.02 -14.91 12.90
C LEU D 228 16.21 -16.00 12.21
N LEU D 229 16.90 -16.83 11.43
CA LEU D 229 16.15 -17.80 10.64
C LEU D 229 15.66 -18.95 11.52
N PRO D 230 14.60 -19.63 11.11
CA PRO D 230 14.04 -20.71 11.95
C PRO D 230 15.14 -21.76 12.24
N VAL D 231 15.19 -22.22 13.50
CA VAL D 231 16.16 -23.26 13.98
C VAL D 231 16.14 -24.49 13.05
N ALA D 232 14.93 -24.90 12.66
CA ALA D 232 14.72 -26.08 11.84
C ALA D 232 15.21 -25.88 10.40
N MET D 233 15.50 -24.66 9.99
CA MET D 233 15.84 -24.45 8.57
C MET D 233 17.31 -24.87 8.34
N GLY D 234 17.56 -25.63 7.26
CA GLY D 234 18.92 -26.05 6.93
C GLY D 234 19.79 -24.86 6.54
N GLU D 235 21.11 -25.03 6.72
CA GLU D 235 22.07 -23.93 6.49
C GLU D 235 22.04 -23.49 5.02
N GLU D 236 21.78 -24.43 4.11
CA GLU D 236 21.82 -24.08 2.69
C GLU D 236 20.65 -23.13 2.37
N GLU D 237 19.48 -23.40 2.93
CA GLU D 237 18.31 -22.55 2.71
C GLU D 237 18.54 -21.20 3.42
N LYS D 238 19.15 -21.22 4.61
CA LYS D 238 19.43 -19.96 5.31
C LYS D 238 20.26 -19.04 4.40
N ASP D 239 21.28 -19.60 3.75
CA ASP D 239 22.14 -18.80 2.89
C ASP D 239 21.43 -18.33 1.64
N LYS D 240 20.48 -19.12 1.15
CA LYS D 240 19.64 -18.70 0.01
C LYS D 240 18.90 -17.40 0.37
N TRP D 241 18.34 -17.37 1.58
CA TRP D 241 17.62 -16.13 2.05
C TRP D 241 18.61 -14.97 2.25
N ARG D 242 19.76 -15.26 2.86
CA ARG D 242 20.75 -14.19 3.12
C ARG D 242 21.19 -13.51 1.83
N ARG D 243 21.32 -14.30 0.76
CA ARG D 243 21.83 -13.79 -0.55
C ARG D 243 20.85 -12.83 -1.24
N LYS D 244 19.59 -12.88 -0.81
CA LYS D 244 18.53 -12.04 -1.41
C LYS D 244 18.54 -10.62 -0.79
N VAL D 245 19.17 -10.43 0.38
CA VAL D 245 19.07 -9.13 1.08
C VAL D 245 20.02 -8.09 0.46
N PRO D 246 19.48 -6.99 -0.10
CA PRO D 246 20.37 -5.98 -0.71
C PRO D 246 21.41 -5.41 0.25
N LEU D 247 20.99 -5.08 1.48
CA LEU D 247 21.90 -4.36 2.40
C LEU D 247 22.69 -5.39 3.22
N GLY D 248 23.81 -5.86 2.65
CA GLY D 248 24.76 -6.67 3.43
C GLY D 248 24.66 -8.16 3.13
N ARG D 249 23.61 -8.62 2.40
CA ARG D 249 23.43 -10.04 2.12
C ARG D 249 23.51 -10.86 3.40
N ARG D 250 22.81 -10.38 4.42
CA ARG D 250 22.74 -11.04 5.68
C ARG D 250 21.38 -10.72 6.29
N GLU D 251 20.91 -11.61 7.16
CA GLU D 251 19.70 -11.41 8.00
C GLU D 251 19.94 -10.31 9.06
N ALA D 252 18.84 -9.68 9.54
CA ALA D 252 18.89 -8.80 10.70
C ALA D 252 19.27 -9.58 11.96
N SER D 253 20.09 -8.96 12.78
CA SER D 253 20.26 -9.49 14.17
C SER D 253 18.98 -9.23 14.96
N ALA D 254 18.79 -10.04 16.00
CA ALA D 254 17.69 -9.75 16.93
C ALA D 254 17.82 -8.32 17.49
N GLU D 255 19.06 -7.86 17.74
CA GLU D 255 19.26 -6.54 18.36
C GLU D 255 18.83 -5.43 17.39
N GLN D 256 19.06 -5.63 16.11
CA GLN D 256 18.65 -4.60 15.10
C GLN D 256 17.11 -4.46 15.08
N ILE D 257 16.39 -5.58 15.20
CA ILE D 257 14.93 -5.52 15.33
C ILE D 257 14.54 -4.81 16.63
N ALA D 258 15.18 -5.18 17.73
CA ALA D 258 14.85 -4.56 19.02
C ALA D 258 15.11 -3.07 18.97
N ASP D 259 16.13 -2.63 18.23
CA ASP D 259 16.43 -1.17 18.18
C ASP D 259 15.21 -0.40 17.67
N ALA D 260 14.48 -0.97 16.71
CA ALA D 260 13.33 -0.25 16.15
C ALA D 260 12.18 -0.24 17.19
N VAL D 261 12.03 -1.33 17.96
CA VAL D 261 11.05 -1.36 19.05
C VAL D 261 11.39 -0.28 20.08
N ILE D 262 12.67 -0.18 20.48
CA ILE D 262 13.11 0.84 21.46
C ILE D 262 12.79 2.27 20.94
N PHE D 263 13.02 2.53 19.66
CA PHE D 263 12.65 3.82 19.13
C PHE D 263 11.15 4.07 19.33
N LEU D 264 10.27 3.13 18.93
CA LEU D 264 8.84 3.42 18.92
C LEU D 264 8.27 3.58 20.34
N VAL D 265 8.92 2.96 21.32
CA VAL D 265 8.37 3.16 22.71
C VAL D 265 8.94 4.44 23.34
N SER D 266 9.97 5.03 22.73
CA SER D 266 10.76 6.16 23.32
C SER D 266 10.04 7.51 23.23
N GLY D 267 10.56 8.51 23.97
CA GLY D 267 10.03 9.88 23.83
C GLY D 267 10.28 10.50 22.46
N SER D 268 11.15 9.89 21.64
CA SER D 268 11.45 10.39 20.28
C SER D 268 10.39 9.94 19.28
N ALA D 269 9.41 9.17 19.74
CA ALA D 269 8.33 8.68 18.82
C ALA D 269 6.95 9.14 19.30
N GLN D 270 6.85 10.21 20.10
CA GLN D 270 5.60 10.57 20.79
C GLN D 270 4.50 11.06 19.86
N TYR D 271 4.81 11.44 18.61
CA TYR D 271 3.74 11.77 17.68
C TYR D 271 3.50 10.63 16.64
N ILE D 272 4.16 9.48 16.84
CA ILE D 272 4.02 8.34 15.89
C ILE D 272 2.97 7.36 16.43
N THR D 273 1.90 7.14 15.66
CA THR D 273 0.95 6.04 15.99
C THR D 273 0.34 5.55 14.68
N GLY D 274 0.10 4.26 14.62
CA GLY D 274 -0.43 3.61 13.41
C GLY D 274 0.66 3.42 12.37
N SER D 275 1.93 3.52 12.73
CA SER D 275 3.03 3.37 11.76
C SER D 275 3.65 1.98 11.90
N ILE D 276 4.04 1.39 10.76
CA ILE D 276 4.79 0.15 10.83
C ILE D 276 6.17 0.38 10.20
N ILE D 277 7.24 0.12 10.94
CA ILE D 277 8.58 0.39 10.43
C ILE D 277 9.15 -0.92 9.87
N LYS D 278 9.44 -0.97 8.57
CA LYS D 278 10.13 -2.15 8.00
C LYS D 278 11.59 -2.08 8.43
N VAL D 279 12.08 -3.25 8.85
CA VAL D 279 13.51 -3.38 9.20
C VAL D 279 13.98 -4.62 8.43
N ASP D 280 14.21 -4.43 7.14
CA ASP D 280 14.35 -5.57 6.24
C ASP D 280 15.51 -5.49 5.29
N GLY D 281 16.41 -4.53 5.49
CA GLY D 281 17.62 -4.41 4.57
C GLY D 281 17.26 -4.34 3.08
N GLY D 282 16.03 -3.89 2.72
CA GLY D 282 15.65 -3.73 1.31
C GLY D 282 15.04 -5.00 0.72
N LEU D 283 14.81 -6.06 1.53
CA LEU D 283 14.40 -7.40 0.96
C LEU D 283 13.06 -7.27 0.22
N SER D 284 12.15 -6.46 0.76
CA SER D 284 10.78 -6.36 0.19
C SER D 284 10.82 -5.54 -1.12
N LEU D 285 11.96 -4.93 -1.44
CA LEU D 285 12.07 -4.11 -2.67
C LEU D 285 12.48 -4.97 -3.87
N VAL D 286 12.87 -6.20 -3.61
CA VAL D 286 13.59 -7.03 -4.64
C VAL D 286 12.53 -7.84 -5.39
N HIS D 287 12.43 -7.62 -6.71
CA HIS D 287 11.47 -8.42 -7.55
C HIS D 287 11.90 -9.88 -7.66
N ALA D 288 10.97 -10.73 -8.16
CA ALA D 288 11.23 -12.17 -8.32
C ALA D 288 12.42 -12.36 -9.27
PA NAP E . 6.30 0.88 -25.30
O1A NAP E . 6.14 0.03 -26.56
O2A NAP E . 7.58 0.90 -24.51
O5B NAP E . 5.94 2.39 -25.66
C5B NAP E . 4.69 2.63 -26.32
C4B NAP E . 4.84 3.90 -27.14
O4B NAP E . 5.18 5.05 -26.34
C3B NAP E . 5.97 3.87 -28.17
O3B NAP E . 5.59 2.99 -29.30
C2B NAP E . 6.11 5.35 -28.53
O2B NAP E . 5.45 5.78 -29.78
C1B NAP E . 5.52 6.07 -27.28
N9A NAP E . 6.58 6.98 -26.80
C8A NAP E . 7.82 6.65 -26.31
N7A NAP E . 8.51 7.83 -26.09
C5A NAP E . 7.70 8.87 -26.48
C6A NAP E . 7.77 10.38 -26.57
N6A NAP E . 8.88 11.09 -26.15
N1A NAP E . 6.66 11.03 -27.06
C2A NAP E . 5.50 10.42 -27.48
N3A NAP E . 5.39 9.07 -27.45
C4A NAP E . 6.42 8.29 -26.94
O3 NAP E . 5.02 0.50 -24.36
PN NAP E . 4.27 -0.93 -24.22
O1N NAP E . 3.23 -1.03 -25.35
O2N NAP E . 5.23 -2.06 -24.00
O5D NAP E . 3.51 -0.63 -22.79
C5D NAP E . 2.30 0.18 -22.77
C4D NAP E . 2.12 0.83 -21.39
O4D NAP E . 2.08 -0.26 -20.43
C3D NAP E . 3.35 1.72 -21.01
O3D NAP E . 2.85 2.89 -20.36
C2D NAP E . 4.21 0.86 -20.11
O2D NAP E . 5.05 1.57 -19.17
C1D NAP E . 3.15 -0.03 -19.44
N1N NAP E . 3.77 -1.26 -19.04
C2N NAP E . 4.17 -2.18 -19.98
C3N NAP E . 4.74 -3.38 -19.61
C7N NAP E . 5.21 -4.39 -20.63
O7N NAP E . 5.64 -5.52 -20.23
N7N NAP E . 5.22 -3.97 -21.93
C4N NAP E . 4.95 -3.66 -18.23
C5N NAP E . 4.54 -2.68 -17.31
C6N NAP E . 3.95 -1.49 -17.72
P2B NAP E . 6.22 5.77 -31.23
O1X NAP E . 5.07 6.38 -32.06
O2X NAP E . 6.56 4.32 -31.47
O3X NAP E . 7.44 6.69 -31.15
FAM EUH F . 10.48 -5.01 -17.26
CAL EUH F . 10.28 -5.72 -18.42
FAN EUH F . 11.14 -5.22 -19.39
FAO EUH F . 10.55 -7.07 -18.19
SAK EUH F . 8.54 -5.58 -18.99
CAH EUH F . 8.30 -3.86 -19.15
CAG EUH F . 8.26 -3.31 -20.45
CAD EUH F . 7.98 -2.02 -20.61
SAC EUH F . 7.91 -1.06 -22.11
CAB EUH F . 7.51 0.45 -21.22
NAA EUH F . 7.28 1.65 -21.80
NAF EUH F . 7.47 0.16 -19.90
CAE EUH F . 7.74 -1.16 -19.55
CAJ EUH F . 7.78 -1.70 -18.28
CAI EUH F . 8.07 -3.06 -18.02
C1 GOL G . 1.49 -13.91 -24.38
O1 GOL G . 2.16 -14.76 -23.41
C2 GOL G . 2.15 -14.16 -25.73
O2 GOL G . 2.27 -15.58 -26.00
C3 GOL G . 1.33 -13.46 -26.81
O3 GOL G . 1.59 -12.07 -26.69
C ACT H . -16.56 -5.12 -20.05
O ACT H . -17.18 -4.15 -19.60
OXT ACT H . -15.71 -5.74 -19.36
CH3 ACT H . -16.94 -5.55 -21.44
S DMS I . 10.20 -1.01 -13.49
O DMS I . 11.50 -1.04 -12.80
C1 DMS I . 9.81 -2.36 -14.50
C2 DMS I . 8.95 -1.36 -12.36
PA NAP J . -24.44 -8.12 4.76
O1A NAP J . -25.81 -7.84 4.24
O2A NAP J . -23.93 -7.44 6.02
O5B NAP J . -24.18 -9.71 5.02
C5B NAP J . -24.40 -10.63 3.97
C4B NAP J . -24.88 -11.95 4.53
O4B NAP J . -23.83 -12.47 5.33
C3B NAP J . -26.04 -11.88 5.52
O3B NAP J . -27.25 -11.76 4.76
C2B NAP J . -25.86 -13.23 6.26
O2B NAP J . -26.76 -14.25 5.72
C1B NAP J . -24.36 -13.61 5.96
N9A NAP J . -23.73 -13.84 7.24
C8A NAP J . -23.62 -13.00 8.31
N7A NAP J . -23.15 -13.68 9.38
C5A NAP J . -23.09 -14.99 9.01
C6A NAP J . -22.66 -16.29 9.64
N6A NAP J . -22.34 -16.32 10.94
N1A NAP J . -22.74 -17.42 8.91
C2A NAP J . -23.13 -17.40 7.63
N3A NAP J . -23.50 -16.28 6.93
C4A NAP J . -23.47 -15.10 7.61
O3 NAP J . -23.43 -7.92 3.49
PN NAP J . -23.54 -6.79 2.32
O1N NAP J . -24.44 -7.41 1.30
O2N NAP J . -23.87 -5.38 2.81
O5D NAP J . -21.98 -6.79 1.80
C5D NAP J . -21.52 -7.90 1.02
C4D NAP J . -19.96 -8.05 1.23
O4D NAP J . -19.37 -6.79 0.82
C3D NAP J . -19.54 -8.28 2.67
O3D NAP J . -18.38 -9.14 2.71
C2D NAP J . -19.20 -6.87 3.22
O2D NAP J . -18.19 -6.89 4.26
C1D NAP J . -18.60 -6.24 1.93
N1N NAP J . -18.75 -4.78 2.00
C2N NAP J . -20.01 -4.24 1.95
C3N NAP J . -20.16 -2.84 2.09
C7N NAP J . -21.52 -2.22 2.02
O7N NAP J . -21.53 -0.98 1.99
N7N NAP J . -22.63 -3.04 2.05
C4N NAP J . -19.04 -2.02 2.25
C5N NAP J . -17.78 -2.60 2.30
C6N NAP J . -17.61 -3.98 2.14
P2B NAP J . -28.25 -14.56 6.27
O1X NAP J . -28.66 -15.71 5.33
O2X NAP J . -29.00 -13.27 5.98
O3X NAP J . -28.12 -14.89 7.74
FAM EUH K . -19.48 1.28 6.84
CAL EUH K . -20.74 1.41 6.36
FAN EUH K . -21.59 0.92 7.24
FAO EUH K . -21.08 2.75 6.18
SAK EUH K . -20.97 0.56 4.80
CAH EUH K . -20.54 -1.12 5.21
CAG EUH K . -21.59 -2.05 5.31
CAD EUH K . -21.19 -3.34 5.55
SAC EUH K . -22.25 -4.72 5.72
CAB EUH K . -20.87 -5.80 5.97
NAA EUH K . -21.03 -7.11 6.15
NAF EUH K . -19.72 -5.11 5.87
CAE EUH K . -19.87 -3.76 5.65
CAJ EUH K . -18.83 -2.84 5.58
CAI EUH K . -19.17 -1.49 5.33
C1 GOL L . -30.55 2.97 -4.10
O1 GOL L . -31.06 2.10 -5.15
C2 GOL L . -29.06 2.76 -4.02
O2 GOL L . -28.88 1.35 -4.01
C3 GOL L . -28.30 3.31 -5.23
O3 GOL L . -27.33 4.28 -4.74
C ACT M . -33.86 -25.21 2.67
O ACT M . -34.17 -26.04 1.79
OXT ACT M . -32.62 -25.08 3.01
CH3 ACT M . -34.91 -24.44 3.37
S DMS N . -14.82 -0.68 8.28
O DMS N . -14.43 -0.08 9.56
C1 DMS N . -16.24 -0.03 7.47
C2 DMS N . -13.65 -0.20 7.08
PA NAP O . 8.50 24.48 3.67
O1A NAP O . 8.63 25.49 4.79
O2A NAP O . 7.32 24.58 2.71
O5B NAP O . 9.79 24.58 2.71
C5B NAP O . 11.09 24.30 3.26
C4B NAP O . 12.13 25.12 2.49
O4B NAP O . 12.15 24.61 1.20
C3B NAP O . 11.77 26.60 2.27
O3B NAP O . 12.12 27.40 3.41
C2B NAP O . 12.61 26.93 1.02
O2B NAP O . 13.89 27.51 1.39
C1B NAP O . 12.83 25.53 0.40
N9A NAP O . 12.37 25.65 -1.00
C8A NAP O . 11.13 25.88 -1.52
N7A NAP O . 11.20 26.06 -2.88
C5A NAP O . 12.51 25.99 -3.23
C6A NAP O . 13.33 26.09 -4.49
N6A NAP O . 12.75 26.35 -5.73
N1A NAP O . 14.68 25.94 -4.34
C2A NAP O . 15.29 25.74 -3.14
N3A NAP O . 14.63 25.60 -1.97
C4A NAP O . 13.28 25.75 -1.98
O3 NAP O . 8.64 22.99 4.26
PN NAP O . 8.40 22.45 5.77
O1N NAP O . 6.98 22.87 6.17
O2N NAP O . 9.58 22.78 6.67
O5D NAP O . 8.39 20.85 5.38
C5D NAP O . 9.67 20.20 5.26
C4D NAP O . 9.38 18.93 4.49
O4D NAP O . 8.31 18.15 5.12
C3D NAP O . 8.94 19.19 3.04
O3D NAP O . 9.54 18.29 2.19
C2D NAP O . 7.42 18.87 3.03
O2D NAP O . 6.74 18.52 1.76
C1D NAP O . 7.34 17.79 4.13
N1N NAP O . 6.03 17.92 4.79
C2N NAP O . 5.74 18.93 5.68
C3N NAP O . 4.48 18.98 6.29
C7N NAP O . 4.07 20.09 7.22
O7N NAP O . 3.14 19.89 7.96
N7N NAP O . 4.73 21.26 7.26
C4N NAP O . 3.55 17.97 5.99
C5N NAP O . 3.89 16.95 5.09
C6N NAP O . 5.13 16.91 4.51
P2B NAP O . 14.29 29.08 1.35
O1X NAP O . 13.38 29.51 2.47
O2X NAP O . 15.78 29.15 1.68
O3X NAP O . 13.92 29.68 0.02
FAM EUH P . -0.96 22.30 4.49
CAL EUH P . -1.15 21.07 5.12
FAN EUH P . -2.21 21.19 6.00
FAO EUH P . -1.42 20.17 4.25
SAK EUH P . 0.28 20.61 6.05
CAH EUH P . 1.60 20.57 4.82
CAG EUH P . 2.53 21.63 4.75
CAD EUH P . 3.52 21.55 3.85
SAC EUH P . 4.80 22.69 3.54
CAB EUH P . 5.43 21.67 2.27
NAA EUH P . 6.48 21.95 1.53
NAF EUH P . 4.71 20.55 2.12
CAE EUH P . 3.64 20.48 2.97
CAJ EUH P . 2.72 19.47 3.01
CAI EUH P . 1.67 19.49 3.94
C1 GOL Q . 28.31 31.14 -0.46
C1 GOL Q . 27.07 30.32 0.33
O1 GOL Q . 26.96 30.96 -0.03
O1 GOL Q . 25.72 30.66 0.05
C2 GOL Q . 29.14 29.84 -0.31
C2 GOL Q . 27.74 29.50 -0.77
O2 GOL Q . 29.76 29.44 -1.56
O2 GOL Q . 26.84 29.20 -1.83
C3 GOL Q . 30.24 30.12 0.71
C3 GOL Q . 28.88 30.37 -1.35
O3 GOL Q . 31.24 29.11 0.70
O3 GOL Q . 29.88 30.47 -0.30
S DMS R . -0.99 16.84 0.07
O DMS R . -2.14 16.98 -0.78
C1 DMS R . -1.07 17.59 1.61
C2 DMS R . -1.02 15.24 0.70
PA NAP S . 9.83 -17.30 16.95
O1A NAP S . 11.20 -17.64 17.55
O2A NAP S . 9.37 -18.09 15.74
O5B NAP S . 8.70 -17.25 18.07
C5B NAP S . 8.81 -16.46 19.25
C4B NAP S . 8.11 -17.17 20.40
O4B NAP S . 6.72 -17.23 20.17
C3B NAP S . 8.48 -18.64 20.60
O3B NAP S . 9.80 -18.82 21.22
C2B NAP S . 7.25 -19.19 21.40
O2B NAP S . 7.48 -19.20 22.82
C1B NAP S . 6.15 -18.08 21.11
N9A NAP S . 5.00 -18.87 20.65
C8A NAP S . 4.89 -19.69 19.55
N7A NAP S . 3.69 -20.34 19.63
C5A NAP S . 3.06 -19.93 20.79
C6A NAP S . 1.81 -20.20 21.51
N6A NAP S . 0.89 -21.10 21.04
N1A NAP S . 1.58 -19.56 22.68
C2A NAP S . 2.46 -18.67 23.23
N3A NAP S . 3.64 -18.35 22.64
C4A NAP S . 3.97 -18.98 21.45
O3 NAP S . 9.87 -15.71 16.58
PN NAP S . 11.14 -14.85 16.15
O1N NAP S . 11.86 -14.41 17.44
O2N NAP S . 11.85 -15.48 14.95
O5D NAP S . 10.36 -13.48 15.56
C5D NAP S . 9.80 -12.58 16.47
C4D NAP S . 8.61 -11.86 15.79
O4D NAP S . 9.06 -11.21 14.63
C3D NAP S . 7.49 -12.84 15.36
O3D NAP S . 6.24 -12.20 15.56
C2D NAP S . 7.72 -13.06 13.88
O2D NAP S . 6.50 -13.42 13.09
C1D NAP S . 8.30 -11.70 13.47
N1N NAP S . 9.18 -11.91 12.28
C2N NAP S . 10.35 -12.62 12.40
C3N NAP S . 11.17 -12.83 11.30
C7N NAP S . 12.46 -13.61 11.38
O7N NAP S . 13.14 -13.64 10.35
N7N NAP S . 12.78 -14.30 12.55
C4N NAP S . 10.74 -12.36 10.04
C5N NAP S . 9.52 -11.65 9.92
C6N NAP S . 8.75 -11.42 11.06
P2B NAP S . 8.20 -20.52 23.61
O1X NAP S . 8.21 -20.00 25.05
O2X NAP S . 9.55 -20.70 23.01
O3X NAP S . 7.19 -21.66 23.41
FAM EUH T . 10.70 -16.62 6.24
CAL EUH T . 11.91 -16.96 6.83
FAN EUH T . 11.73 -18.08 7.35
FAO EUH T . 12.91 -16.97 5.89
SAK EUH T . 12.31 -15.72 8.02
CAH EUH T . 10.89 -15.73 9.13
CAG EUH T . 11.04 -16.37 10.36
CAD EUH T . 9.99 -16.33 11.20
SAC EUH T . 9.80 -16.99 12.80
CAB EUH T . 8.18 -16.40 13.01
NAA EUH T . 7.38 -16.58 14.06
NAF EUH T . 7.85 -15.73 11.89
CAE EUH T . 8.78 -15.68 10.88
CAJ EUH T . 8.62 -15.04 9.66
CAI EUH T . 9.67 -15.08 8.75
S DMS U . 5.67 -15.15 5.16
O DMS U . 5.18 -15.99 4.09
C1 DMS U . 7.39 -15.08 5.54
C2 DMS U . 5.75 -13.54 4.56
#